data_1QOJ
# 
_entry.id   1QOJ 
# 
_audit_conform.dict_name       mmcif_pdbx.dic 
_audit_conform.dict_version    5.399 
_audit_conform.dict_location   http://mmcif.pdb.org/dictionaries/ascii/mmcif_pdbx.dic 
# 
loop_
_database_2.database_id 
_database_2.database_code 
_database_2.pdbx_database_accession 
_database_2.pdbx_DOI 
PDB   1QOJ         pdb_00001qoj 10.2210/pdb1qoj/pdb 
PDBE  EBI-4285     ?            ?                   
WWPDB D_1290004285 ?            ?                   
# 
loop_
_pdbx_audit_revision_history.ordinal 
_pdbx_audit_revision_history.data_content_type 
_pdbx_audit_revision_history.major_revision 
_pdbx_audit_revision_history.minor_revision 
_pdbx_audit_revision_history.revision_date 
1 'Structure model' 1 0 2000-11-10 
2 'Structure model' 1 1 2011-05-08 
3 'Structure model' 1 2 2011-07-13 
4 'Structure model' 1 3 2019-03-06 
5 'Structure model' 1 4 2024-11-20 
# 
_pdbx_audit_revision_details.ordinal             1 
_pdbx_audit_revision_details.revision_ordinal    1 
_pdbx_audit_revision_details.data_content_type   'Structure model' 
_pdbx_audit_revision_details.provider            repository 
_pdbx_audit_revision_details.type                'Initial release' 
_pdbx_audit_revision_details.description         ? 
_pdbx_audit_revision_details.details             ? 
# 
loop_
_pdbx_audit_revision_group.ordinal 
_pdbx_audit_revision_group.revision_ordinal 
_pdbx_audit_revision_group.data_content_type 
_pdbx_audit_revision_group.group 
1 2 'Structure model' 'Version format compliance' 
2 3 'Structure model' 'Version format compliance' 
3 4 'Structure model' 'Data collection'           
4 4 'Structure model' 'Derived calculations'      
5 4 'Structure model' 'Experimental preparation'  
6 4 'Structure model' Other                       
7 5 'Structure model' 'Data collection'           
8 5 'Structure model' 'Database references'       
9 5 'Structure model' 'Structure summary'         
# 
loop_
_pdbx_audit_revision_category.ordinal 
_pdbx_audit_revision_category.revision_ordinal 
_pdbx_audit_revision_category.data_content_type 
_pdbx_audit_revision_category.category 
1 4 'Structure model' exptl_crystal_grow        
2 4 'Structure model' pdbx_database_proc        
3 4 'Structure model' pdbx_database_status      
4 4 'Structure model' struct_conn               
5 5 'Structure model' chem_comp_atom            
6 5 'Structure model' chem_comp_bond            
7 5 'Structure model' database_2                
8 5 'Structure model' pdbx_entry_details        
9 5 'Structure model' pdbx_modification_feature 
# 
loop_
_pdbx_audit_revision_item.ordinal 
_pdbx_audit_revision_item.revision_ordinal 
_pdbx_audit_revision_item.data_content_type 
_pdbx_audit_revision_item.item 
1 4 'Structure model' '_exptl_crystal_grow.method'                  
2 4 'Structure model' '_pdbx_database_status.recvd_author_approval' 
3 4 'Structure model' '_struct_conn.pdbx_leaving_atom_flag'         
4 5 'Structure model' '_database_2.pdbx_DOI'                        
5 5 'Structure model' '_database_2.pdbx_database_accession'         
# 
_pdbx_database_status.status_code                     REL 
_pdbx_database_status.entry_id                        1QOJ 
_pdbx_database_status.deposit_site                    PDBE 
_pdbx_database_status.process_site                    PDBE 
_pdbx_database_status.SG_entry                        . 
_pdbx_database_status.recvd_initial_deposition_date   1999-11-10 
_pdbx_database_status.pdb_format_compatible           Y 
_pdbx_database_status.status_code_sf                  ? 
_pdbx_database_status.status_code_mr                  ? 
_pdbx_database_status.status_code_cs                  ? 
_pdbx_database_status.methods_development_category    ? 
_pdbx_database_status.status_code_nmr_data            ? 
# 
_pdbx_database_related.db_name        PDB 
_pdbx_database_related.db_id          1E52 
_pdbx_database_related.content_type   unspecified 
_pdbx_database_related.details        'SOLUTION STRUCTURE OF ESCHERICHIA COLI UVRB C-TERMINAL DOMAIN' 
# 
loop_
_audit_author.name 
_audit_author.pdbx_ordinal 
'Sohi, M.'             1 
'Alexandrovich, A.'    2 
'Moolenaar, G.'        3 
'Visse, R.'            4 
'Goosen, N.'           5 
'Vernede, X.'          6 
'Fontecilla-Camps, J.' 7 
'Champness, J.'        8 
'Sanderson, M.R.'      9 
# 
_citation.id                        primary 
_citation.title                     'Crystal Structure of E.Coli Uvrb C-Terminal Domain, and a Model for Uvrb-Uvrc Interaction' 
_citation.journal_abbrev            'FEBS Lett.' 
_citation.journal_volume            465 
_citation.page_first                161 
_citation.page_last                 ? 
_citation.year                      2000 
_citation.journal_id_ASTM           FEBLAL 
_citation.country                   NE 
_citation.journal_id_ISSN           0014-5793 
_citation.journal_id_CSD            0165 
_citation.book_publisher            ? 
_citation.pdbx_database_id_PubMed   10631326 
_citation.pdbx_database_id_DOI      '10.1016/S0014-5793(99)01690-7' 
# 
loop_
_citation_author.citation_id 
_citation_author.name 
_citation_author.ordinal 
_citation_author.identifier_ORCID 
primary 'Sohi, M.'             1 ? 
primary 'Alexandrovich, A.'    2 ? 
primary 'Moolenaar, G.'        3 ? 
primary 'Visse, R.'            4 ? 
primary 'Goosen, N.'           5 ? 
primary 'Vernede, X.'          6 ? 
primary 'Fontecilla-Camps, J.' 7 ? 
primary 'Champness, J.'        8 ? 
primary 'Sanderson, M.R.'      9 ? 
# 
_entity.id                         1 
_entity.type                       polymer 
_entity.src_method                 nat 
_entity.pdbx_description           UVRB 
_entity.formula_weight             7685.937 
_entity.pdbx_number_of_molecules   2 
_entity.pdbx_ec                    ? 
_entity.pdbx_mutation              ? 
_entity.pdbx_fragment              'C-TERMINAL DOMAIN' 
_entity.details                    ? 
# 
_entity_poly.entity_id                      1 
_entity_poly.type                           'polypeptide(L)' 
_entity_poly.nstd_linkage                   no 
_entity_poly.nstd_monomer                   yes 
_entity_poly.pdbx_seq_one_letter_code       
;(MSE)HHHHHHLEPDNVP(MSE)D(MSE)SPKALQQKIHELEGL(MSE)(MSE)QHAQNLEFEEAAQIRDQLHQLRELFI
AAS
;
_entity_poly.pdbx_seq_one_letter_code_can   MHHHHHHLEPDNVPMDMSPKALQQKIHELEGLMMQHAQNLEFEEAAQIRDQLHQLRELFIAAS 
_entity_poly.pdbx_strand_id                 A,B 
_entity_poly.pdbx_target_identifier         ? 
# 
loop_
_entity_poly_seq.entity_id 
_entity_poly_seq.num 
_entity_poly_seq.mon_id 
_entity_poly_seq.hetero 
1 1  MSE n 
1 2  HIS n 
1 3  HIS n 
1 4  HIS n 
1 5  HIS n 
1 6  HIS n 
1 7  HIS n 
1 8  LEU n 
1 9  GLU n 
1 10 PRO n 
1 11 ASP n 
1 12 ASN n 
1 13 VAL n 
1 14 PRO n 
1 15 MSE n 
1 16 ASP n 
1 17 MSE n 
1 18 SER n 
1 19 PRO n 
1 20 LYS n 
1 21 ALA n 
1 22 LEU n 
1 23 GLN n 
1 24 GLN n 
1 25 LYS n 
1 26 ILE n 
1 27 HIS n 
1 28 GLU n 
1 29 LEU n 
1 30 GLU n 
1 31 GLY n 
1 32 LEU n 
1 33 MSE n 
1 34 MSE n 
1 35 GLN n 
1 36 HIS n 
1 37 ALA n 
1 38 GLN n 
1 39 ASN n 
1 40 LEU n 
1 41 GLU n 
1 42 PHE n 
1 43 GLU n 
1 44 GLU n 
1 45 ALA n 
1 46 ALA n 
1 47 GLN n 
1 48 ILE n 
1 49 ARG n 
1 50 ASP n 
1 51 GLN n 
1 52 LEU n 
1 53 HIS n 
1 54 GLN n 
1 55 LEU n 
1 56 ARG n 
1 57 GLU n 
1 58 LEU n 
1 59 PHE n 
1 60 ILE n 
1 61 ALA n 
1 62 ALA n 
1 63 SER n 
# 
_entity_src_nat.entity_id                  1 
_entity_src_nat.pdbx_src_id                1 
_entity_src_nat.pdbx_alt_source_flag       sample 
_entity_src_nat.pdbx_beg_seq_num           ? 
_entity_src_nat.pdbx_end_seq_num           ? 
_entity_src_nat.common_name                ? 
_entity_src_nat.pdbx_organism_scientific   'ESCHERICHIA COLI' 
_entity_src_nat.pdbx_ncbi_taxonomy_id      562 
_entity_src_nat.genus                      ? 
_entity_src_nat.species                    ? 
_entity_src_nat.strain                     PP3398 
_entity_src_nat.tissue                     ? 
_entity_src_nat.tissue_fraction            ? 
_entity_src_nat.pdbx_secretion             ? 
_entity_src_nat.pdbx_fragment              ? 
_entity_src_nat.pdbx_variant               ? 
_entity_src_nat.pdbx_cell_line             ? 
_entity_src_nat.pdbx_atcc                  ? 
_entity_src_nat.pdbx_cellular_location     ? 
_entity_src_nat.pdbx_organ                 ? 
_entity_src_nat.pdbx_organelle             ? 
_entity_src_nat.pdbx_cell                  ? 
_entity_src_nat.pdbx_plasmid_name          ? 
_entity_src_nat.pdbx_plasmid_details       ? 
_entity_src_nat.details                    ? 
# 
loop_
_chem_comp.id 
_chem_comp.type 
_chem_comp.mon_nstd_flag 
_chem_comp.name 
_chem_comp.pdbx_synonyms 
_chem_comp.formula 
_chem_comp.formula_weight 
ALA 'L-peptide linking' y ALANINE          ? 'C3 H7 N O2'     89.093  
ARG 'L-peptide linking' y ARGININE         ? 'C6 H15 N4 O2 1' 175.209 
ASN 'L-peptide linking' y ASPARAGINE       ? 'C4 H8 N2 O3'    132.118 
ASP 'L-peptide linking' y 'ASPARTIC ACID'  ? 'C4 H7 N O4'     133.103 
GLN 'L-peptide linking' y GLUTAMINE        ? 'C5 H10 N2 O3'   146.144 
GLU 'L-peptide linking' y 'GLUTAMIC ACID'  ? 'C5 H9 N O4'     147.129 
GLY 'peptide linking'   y GLYCINE          ? 'C2 H5 N O2'     75.067  
HIS 'L-peptide linking' y HISTIDINE        ? 'C6 H10 N3 O2 1' 156.162 
ILE 'L-peptide linking' y ISOLEUCINE       ? 'C6 H13 N O2'    131.173 
LEU 'L-peptide linking' y LEUCINE          ? 'C6 H13 N O2'    131.173 
LYS 'L-peptide linking' y LYSINE           ? 'C6 H15 N2 O2 1' 147.195 
MET 'L-peptide linking' y METHIONINE       ? 'C5 H11 N O2 S'  149.211 
MSE 'L-peptide linking' n SELENOMETHIONINE ? 'C5 H11 N O2 Se' 196.106 
PHE 'L-peptide linking' y PHENYLALANINE    ? 'C9 H11 N O2'    165.189 
PRO 'L-peptide linking' y PROLINE          ? 'C5 H9 N O2'     115.130 
SER 'L-peptide linking' y SERINE           ? 'C3 H7 N O3'     105.093 
VAL 'L-peptide linking' y VALINE           ? 'C5 H11 N O2'    117.146 
# 
loop_
_pdbx_poly_seq_scheme.asym_id 
_pdbx_poly_seq_scheme.entity_id 
_pdbx_poly_seq_scheme.seq_id 
_pdbx_poly_seq_scheme.mon_id 
_pdbx_poly_seq_scheme.ndb_seq_num 
_pdbx_poly_seq_scheme.pdb_seq_num 
_pdbx_poly_seq_scheme.auth_seq_num 
_pdbx_poly_seq_scheme.pdb_mon_id 
_pdbx_poly_seq_scheme.auth_mon_id 
_pdbx_poly_seq_scheme.pdb_strand_id 
_pdbx_poly_seq_scheme.pdb_ins_code 
_pdbx_poly_seq_scheme.hetero 
A 1 1  MSE 1  611 ?   ?   ?   A . n 
A 1 2  HIS 2  612 ?   ?   ?   A . n 
A 1 3  HIS 3  613 ?   ?   ?   A . n 
A 1 4  HIS 4  614 ?   ?   ?   A . n 
A 1 5  HIS 5  615 ?   ?   ?   A . n 
A 1 6  HIS 6  616 ?   ?   ?   A . n 
A 1 7  HIS 7  617 ?   ?   ?   A . n 
A 1 8  LEU 8  618 ?   ?   ?   A . n 
A 1 9  GLU 9  619 ?   ?   ?   A . n 
A 1 10 PRO 10 620 ?   ?   ?   A . n 
A 1 11 ASP 11 621 ?   ?   ?   A . n 
A 1 12 ASN 12 622 ?   ?   ?   A . n 
A 1 13 VAL 13 623 ?   ?   ?   A . n 
A 1 14 PRO 14 624 ?   ?   ?   A . n 
A 1 15 MSE 15 625 ?   ?   ?   A . n 
A 1 16 ASP 16 626 ?   ?   ?   A . n 
A 1 17 MSE 17 627 ?   ?   ?   A . n 
A 1 18 SER 18 628 628 SER SER A . n 
A 1 19 PRO 19 629 629 PRO PRO A . n 
A 1 20 LYS 20 630 630 LYS LYS A . n 
A 1 21 ALA 21 631 631 ALA ALA A . n 
A 1 22 LEU 22 632 632 LEU LEU A . n 
A 1 23 GLN 23 633 633 GLN GLN A . n 
A 1 24 GLN 24 634 634 GLN GLN A . n 
A 1 25 LYS 25 635 635 LYS LYS A . n 
A 1 26 ILE 26 636 636 ILE ILE A . n 
A 1 27 HIS 27 637 637 HIS HIS A . n 
A 1 28 GLU 28 638 638 GLU GLU A . n 
A 1 29 LEU 29 639 639 LEU LEU A . n 
A 1 30 GLU 30 640 640 GLU GLU A . n 
A 1 31 GLY 31 641 641 GLY GLY A . n 
A 1 32 LEU 32 642 642 LEU LEU A . n 
A 1 33 MSE 33 643 643 MSE MSE A . n 
A 1 34 MSE 34 644 644 MSE MSE A . n 
A 1 35 GLN 35 645 645 GLN GLN A . n 
A 1 36 HIS 36 646 646 HIS HIS A . n 
A 1 37 ALA 37 647 647 ALA ALA A . n 
A 1 38 GLN 38 648 648 GLN GLN A . n 
A 1 39 ASN 39 649 649 ASN ASN A . n 
A 1 40 LEU 40 650 650 LEU LEU A . n 
A 1 41 GLU 41 651 651 GLU GLU A . n 
A 1 42 PHE 42 652 652 PHE PHE A . n 
A 1 43 GLU 43 653 653 GLU GLU A . n 
A 1 44 GLU 44 654 654 GLU GLU A . n 
A 1 45 ALA 45 655 655 ALA ALA A . n 
A 1 46 ALA 46 656 656 ALA ALA A . n 
A 1 47 GLN 47 657 657 GLN GLN A . n 
A 1 48 ILE 48 658 658 ILE ILE A . n 
A 1 49 ARG 49 659 659 ARG ARG A . n 
A 1 50 ASP 50 660 660 ASP ASP A . n 
A 1 51 GLN 51 661 661 GLN GLN A . n 
A 1 52 LEU 52 662 662 LEU LEU A . n 
A 1 53 HIS 53 663 663 HIS HIS A . n 
A 1 54 GLN 54 664 664 GLN GLN A . n 
A 1 55 LEU 55 665 665 LEU LEU A . n 
A 1 56 ARG 56 666 666 ARG ARG A . n 
A 1 57 GLU 57 667 667 GLU GLU A . n 
A 1 58 LEU 58 668 668 LEU LEU A . n 
A 1 59 PHE 59 669 669 PHE PHE A . n 
A 1 60 ILE 60 670 670 ILE ILE A . n 
A 1 61 ALA 61 671 671 ALA ALA A . n 
A 1 62 ALA 62 672 672 ALA ALA A . n 
A 1 63 SER 63 673 673 SER SER A . n 
B 1 1  MSE 1  611 ?   ?   ?   B . n 
B 1 2  HIS 2  612 ?   ?   ?   B . n 
B 1 3  HIS 3  613 ?   ?   ?   B . n 
B 1 4  HIS 4  614 ?   ?   ?   B . n 
B 1 5  HIS 5  615 ?   ?   ?   B . n 
B 1 6  HIS 6  616 ?   ?   ?   B . n 
B 1 7  HIS 7  617 ?   ?   ?   B . n 
B 1 8  LEU 8  618 ?   ?   ?   B . n 
B 1 9  GLU 9  619 ?   ?   ?   B . n 
B 1 10 PRO 10 620 ?   ?   ?   B . n 
B 1 11 ASP 11 621 ?   ?   ?   B . n 
B 1 12 ASN 12 622 ?   ?   ?   B . n 
B 1 13 VAL 13 623 ?   ?   ?   B . n 
B 1 14 PRO 14 624 ?   ?   ?   B . n 
B 1 15 MSE 15 625 ?   ?   ?   B . n 
B 1 16 ASP 16 626 ?   ?   ?   B . n 
B 1 17 MSE 17 627 627 MSE MSE B . n 
B 1 18 SER 18 628 628 SER SER B . n 
B 1 19 PRO 19 629 629 PRO PRO B . n 
B 1 20 LYS 20 630 630 LYS LYS B . n 
B 1 21 ALA 21 631 631 ALA ALA B . n 
B 1 22 LEU 22 632 632 LEU LEU B . n 
B 1 23 GLN 23 633 633 GLN GLN B . n 
B 1 24 GLN 24 634 634 GLN GLN B . n 
B 1 25 LYS 25 635 635 LYS LYS B . n 
B 1 26 ILE 26 636 636 ILE ILE B . n 
B 1 27 HIS 27 637 637 HIS HIS B . n 
B 1 28 GLU 28 638 638 GLU GLU B . n 
B 1 29 LEU 29 639 639 LEU LEU B . n 
B 1 30 GLU 30 640 640 GLU GLU B . n 
B 1 31 GLY 31 641 641 GLY GLY B . n 
B 1 32 LEU 32 642 642 LEU LEU B . n 
B 1 33 MSE 33 643 643 MSE MSE B . n 
B 1 34 MSE 34 644 644 MSE MSE B . n 
B 1 35 GLN 35 645 645 GLN GLN B . n 
B 1 36 HIS 36 646 646 HIS HIS B . n 
B 1 37 ALA 37 647 647 ALA ALA B . n 
B 1 38 GLN 38 648 648 GLN GLN B . n 
B 1 39 ASN 39 649 649 ASN ASN B . n 
B 1 40 LEU 40 650 650 LEU LEU B . n 
B 1 41 GLU 41 651 651 GLU GLU B . n 
B 1 42 PHE 42 652 652 PHE PHE B . n 
B 1 43 GLU 43 653 653 GLU GLU B . n 
B 1 44 GLU 44 654 654 GLU GLU B . n 
B 1 45 ALA 45 655 655 ALA ALA B . n 
B 1 46 ALA 46 656 656 ALA ALA B . n 
B 1 47 GLN 47 657 657 GLN GLN B . n 
B 1 48 ILE 48 658 658 ILE ILE B . n 
B 1 49 ARG 49 659 659 ARG ARG B . n 
B 1 50 ASP 50 660 660 ASP ASP B . n 
B 1 51 GLN 51 661 661 GLN GLN B . n 
B 1 52 LEU 52 662 662 LEU LEU B . n 
B 1 53 HIS 53 663 663 HIS HIS B . n 
B 1 54 GLN 54 664 664 GLN GLN B . n 
B 1 55 LEU 55 665 665 LEU LEU B . n 
B 1 56 ARG 56 666 666 ARG ARG B . n 
B 1 57 GLU 57 667 667 GLU GLU B . n 
B 1 58 LEU 58 668 668 LEU LEU B . n 
B 1 59 PHE 59 669 669 PHE PHE B . n 
B 1 60 ILE 60 670 670 ILE ILE B . n 
B 1 61 ALA 61 671 671 ALA ALA B . n 
B 1 62 ALA 62 672 672 ALA ALA B . n 
B 1 63 SER 63 673 673 SER SER B . n 
# 
loop_
_pdbx_unobs_or_zero_occ_atoms.id 
_pdbx_unobs_or_zero_occ_atoms.PDB_model_num 
_pdbx_unobs_or_zero_occ_atoms.polymer_flag 
_pdbx_unobs_or_zero_occ_atoms.occupancy_flag 
_pdbx_unobs_or_zero_occ_atoms.auth_asym_id 
_pdbx_unobs_or_zero_occ_atoms.auth_comp_id 
_pdbx_unobs_or_zero_occ_atoms.auth_seq_id 
_pdbx_unobs_or_zero_occ_atoms.PDB_ins_code 
_pdbx_unobs_or_zero_occ_atoms.auth_atom_id 
_pdbx_unobs_or_zero_occ_atoms.label_alt_id 
_pdbx_unobs_or_zero_occ_atoms.label_asym_id 
_pdbx_unobs_or_zero_occ_atoms.label_comp_id 
_pdbx_unobs_or_zero_occ_atoms.label_seq_id 
_pdbx_unobs_or_zero_occ_atoms.label_atom_id 
1  1 Y 1 A LYS 630 ? CG  ? A LYS 20 CG  
2  1 Y 1 A LYS 630 ? CD  ? A LYS 20 CD  
3  1 Y 1 A LYS 630 ? CE  ? A LYS 20 CE  
4  1 Y 1 A LYS 630 ? NZ  ? A LYS 20 NZ  
5  1 Y 1 A GLN 634 ? CG  ? A GLN 24 CG  
6  1 Y 1 A GLN 634 ? CD  ? A GLN 24 CD  
7  1 Y 1 A GLN 634 ? OE1 ? A GLN 24 OE1 
8  1 Y 1 A GLN 634 ? NE2 ? A GLN 24 NE2 
9  1 Y 1 A ILE 636 ? CD1 ? A ILE 26 CD1 
10 1 Y 1 A GLU 638 ? CG  ? A GLU 28 CG  
11 1 Y 1 A GLU 638 ? CD  ? A GLU 28 CD  
12 1 Y 1 A GLU 638 ? OE1 ? A GLU 28 OE1 
13 1 Y 1 A GLU 638 ? OE2 ? A GLU 28 OE2 
14 1 Y 1 A LEU 642 ? CG  ? A LEU 32 CG  
15 1 Y 1 A LEU 642 ? CD1 ? A LEU 32 CD1 
16 1 Y 1 A LEU 642 ? CD2 ? A LEU 32 CD2 
17 1 Y 1 A GLN 645 ? CD  ? A GLN 35 CD  
18 1 Y 1 A GLN 645 ? OE1 ? A GLN 35 OE1 
19 1 Y 1 A GLN 645 ? NE2 ? A GLN 35 NE2 
20 1 Y 1 A GLN 648 ? CD  ? A GLN 38 CD  
21 1 Y 1 A GLN 648 ? OE1 ? A GLN 38 OE1 
22 1 Y 1 A GLN 648 ? NE2 ? A GLN 38 NE2 
23 1 Y 1 A ILE 670 ? CD1 ? A ILE 60 CD1 
24 1 Y 1 A SER 673 ? O   ? A SER 63 O   
25 1 Y 1 B LYS 630 ? CG  ? B LYS 20 CG  
26 1 Y 1 B LYS 630 ? CD  ? B LYS 20 CD  
27 1 Y 1 B LYS 630 ? CE  ? B LYS 20 CE  
28 1 Y 1 B LYS 630 ? NZ  ? B LYS 20 NZ  
29 1 Y 1 B GLN 634 ? CG  ? B GLN 24 CG  
30 1 Y 1 B GLN 634 ? CD  ? B GLN 24 CD  
31 1 Y 1 B GLN 634 ? OE1 ? B GLN 24 OE1 
32 1 Y 1 B GLN 634 ? NE2 ? B GLN 24 NE2 
33 1 Y 1 B LYS 635 ? CD  ? B LYS 25 CD  
34 1 Y 1 B LYS 635 ? CE  ? B LYS 25 CE  
35 1 Y 1 B LYS 635 ? NZ  ? B LYS 25 NZ  
36 1 Y 1 B ILE 636 ? CD1 ? B ILE 26 CD1 
37 1 Y 1 B GLN 645 ? CD  ? B GLN 35 CD  
38 1 Y 1 B GLN 645 ? OE1 ? B GLN 35 OE1 
39 1 Y 1 B GLN 645 ? NE2 ? B GLN 35 NE2 
40 1 Y 1 B ILE 658 ? CD1 ? B ILE 48 CD1 
41 1 Y 1 B GLN 661 ? OE1 ? B GLN 51 OE1 
42 1 Y 1 B GLN 661 ? NE2 ? B GLN 51 NE2 
43 1 Y 1 B SER 673 ? O   ? B SER 63 O   
# 
loop_
_software.name 
_software.classification 
_software.version 
_software.citation_id 
_software.pdbx_ordinal 
DENZO     'data reduction' . ? 1 
SCALEPACK 'data scaling'   . ? 2 
SHELXL-97 phasing          . ? 3 
SOLVE     phasing          . ? 4 
SHELXL-97 refinement       . ? 5 
# 
_cell.entry_id           1QOJ 
_cell.length_a           84.810 
_cell.length_b           84.810 
_cell.length_c           53.190 
_cell.angle_alpha        90.00 
_cell.angle_beta         90.00 
_cell.angle_gamma        120.00 
_cell.Z_PDB              12 
_cell.pdbx_unique_axis   ? 
# 
_symmetry.entry_id                         1QOJ 
_symmetry.space_group_name_H-M             'P 62' 
_symmetry.pdbx_full_space_group_name_H-M   ? 
_symmetry.cell_setting                     ? 
_symmetry.Int_Tables_number                171 
# 
_exptl.entry_id          1QOJ 
_exptl.method            'X-RAY DIFFRACTION' 
_exptl.crystals_number   1 
# 
_exptl_crystal.id                    1 
_exptl_crystal.density_meas          ? 
_exptl_crystal.density_Matthews      3.71 
_exptl_crystal.density_percent_sol   75 
_exptl_crystal.description           ? 
# 
_exptl_crystal_grow.crystal_id      1 
_exptl_crystal_grow.method          'VAPOR DIFFUSION' 
_exptl_crystal_grow.temp            ? 
_exptl_crystal_grow.temp_details    ? 
_exptl_crystal_grow.pH              8.50 
_exptl_crystal_grow.pdbx_pH_range   ? 
_exptl_crystal_grow.pdbx_details    
;BY VAPOUR DIFFUSION 3UL PROTEIN SOLUTION: 2MG/ML UVRB DOMAIN, 20MM TRIS-CL PH7.0, 150MM NACL 0.1% NAN3 + 3UL WELL SOLUTION 0.5ML WELL SOLUTION: 35% SAT. AMMONIUM SULPHATE 100MM TRIS-CL PH8.8, 0.1% NAN3, pH 8.50
;
# 
_diffrn.id                     1 
_diffrn.ambient_temp           100.0 
_diffrn.ambient_temp_details   ? 
_diffrn.crystal_id             1 
# 
_diffrn_detector.diffrn_id              1 
_diffrn_detector.detector               CCD 
_diffrn_detector.type                   MARRESEARCH 
_diffrn_detector.pdbx_collection_date   1999-05-15 
_diffrn_detector.details                ? 
# 
_diffrn_radiation.diffrn_id                        1 
_diffrn_radiation.wavelength_id                    1 
_diffrn_radiation.pdbx_monochromatic_or_laue_m_l   M 
_diffrn_radiation.monochromator                    ? 
_diffrn_radiation.pdbx_diffrn_protocol             MAD 
_diffrn_radiation.pdbx_scattering_type             x-ray 
# 
loop_
_diffrn_radiation_wavelength.id 
_diffrn_radiation_wavelength.wavelength 
_diffrn_radiation_wavelength.wt 
1 0.8856 1.0 
2 0.9788 1.0 
3 0.9789 1.0 
# 
_diffrn_source.diffrn_id                   1 
_diffrn_source.source                      SYNCHROTRON 
_diffrn_source.type                        'ESRF BEAMLINE BM14' 
_diffrn_source.pdbx_synchrotron_site       ESRF 
_diffrn_source.pdbx_synchrotron_beamline   BM14 
_diffrn_source.pdbx_wavelength             ? 
_diffrn_source.pdbx_wavelength_list        '0.8856, 0.9788, 0.9789' 
# 
_reflns.pdbx_diffrn_id               1 
_reflns.pdbx_ordinal                 1 
_reflns.entry_id                     1QOJ 
_reflns.observed_criterion_sigma_I   ? 
_reflns.observed_criterion_sigma_F   ? 
_reflns.d_resolution_low             20.000 
_reflns.d_resolution_high            3.000 
_reflns.number_obs                   4450 
_reflns.number_all                   ? 
_reflns.percent_possible_obs         100.0 
_reflns.pdbx_Rmerge_I_obs            0.10200 
_reflns.pdbx_Rsym_value              ? 
_reflns.pdbx_netI_over_sigmaI        ? 
_reflns.B_iso_Wilson_estimate        ? 
_reflns.pdbx_redundancy              3.860 
# 
_reflns_shell.pdbx_diffrn_id         1 
_reflns_shell.pdbx_ordinal           1 
_reflns_shell.d_res_high             3.00 
_reflns_shell.d_res_low              3.11 
_reflns_shell.percent_possible_all   100.0 
_reflns_shell.Rmerge_I_obs           0.51100 
_reflns_shell.pdbx_Rsym_value        ? 
_reflns_shell.meanI_over_sigI_obs    2.750 
_reflns_shell.pdbx_redundancy        3.71 
# 
_refine.pdbx_refine_id                           'X-RAY DIFFRACTION' 
_refine.entry_id                                 1QOJ 
_refine.pdbx_diffrn_id                           1 
_refine.pdbx_TLS_residual_ADP_flag               ? 
_refine.ls_number_reflns_obs                     ? 
_refine.ls_number_reflns_all                     8435 
_refine.pdbx_ls_sigma_I                          ? 
_refine.pdbx_ls_sigma_F                          4 
_refine.pdbx_data_cutoff_high_absF               ? 
_refine.pdbx_data_cutoff_low_absF                ? 
_refine.pdbx_data_cutoff_high_rms_absF           ? 
_refine.ls_d_res_low                             20.0 
_refine.ls_d_res_high                            3.0 
_refine.ls_percent_reflns_obs                    100 
_refine.ls_R_factor_obs                          0.3266 
_refine.ls_R_factor_all                          ? 
_refine.ls_R_factor_R_work                       ? 
_refine.ls_R_factor_R_free                       ? 
_refine.ls_R_factor_R_free_error                 ? 
_refine.ls_R_factor_R_free_error_details         ? 
_refine.ls_percent_reflns_R_free                 ? 
_refine.ls_number_reflns_R_free                  ? 
_refine.ls_number_parameters                     3031 
_refine.ls_number_restraints                     3887 
_refine.occupancy_min                            ? 
_refine.occupancy_max                            ? 
_refine.correlation_coeff_Fo_to_Fc               ? 
_refine.correlation_coeff_Fo_to_Fc_free          ? 
_refine.B_iso_mean                               ? 
_refine.aniso_B[1][1]                            ? 
_refine.aniso_B[2][2]                            ? 
_refine.aniso_B[3][3]                            ? 
_refine.aniso_B[1][2]                            ? 
_refine.aniso_B[1][3]                            ? 
_refine.aniso_B[2][3]                            ? 
_refine.solvent_model_details                    ? 
_refine.solvent_model_param_ksol                 ? 
_refine.solvent_model_param_bsol                 ? 
_refine.pdbx_solvent_vdw_probe_radii             ? 
_refine.pdbx_solvent_ion_probe_radii             ? 
_refine.pdbx_solvent_shrinkage_radii             ? 
_refine.pdbx_ls_cross_valid_method               THROUGHOUT 
_refine.details                                  ? 
_refine.pdbx_starting_model                      ? 
_refine.pdbx_method_to_determine_struct          MAD 
_refine.pdbx_isotropic_thermal_model             ? 
_refine.pdbx_stereochemistry_target_values       'ENGH AND HUBER' 
_refine.pdbx_stereochem_target_val_spec_case     ? 
_refine.pdbx_R_Free_selection_details            RANDOM 
_refine.pdbx_overall_ESU_R                       ? 
_refine.pdbx_overall_ESU_R_Free                  ? 
_refine.overall_SU_ML                            ? 
_refine.pdbx_overall_phase_error                 ? 
_refine.overall_SU_B                             ? 
_refine.overall_SU_R_Cruickshank_DPI             ? 
_refine.pdbx_overall_SU_R_free_Cruickshank_DPI   ? 
_refine.pdbx_overall_SU_R_Blow_DPI               ? 
_refine.pdbx_overall_SU_R_free_Blow_DPI          ? 
# 
_refine_analyze.pdbx_refine_id                  'X-RAY DIFFRACTION' 
_refine_analyze.entry_id                        1QOJ 
_refine_analyze.Luzzati_coordinate_error_obs    ? 
_refine_analyze.Luzzati_sigma_a_obs             ? 
_refine_analyze.Luzzati_d_res_low_obs           ? 
_refine_analyze.Luzzati_coordinate_error_free   ? 
_refine_analyze.Luzzati_sigma_a_free            ? 
_refine_analyze.Luzzati_d_res_low_free          ? 
_refine_analyze.number_disordered_residues      0 
_refine_analyze.occupancy_sum_hydrogen          ? 
_refine_analyze.occupancy_sum_non_hydrogen      ? 
# 
_refine_hist.pdbx_refine_id                   'X-RAY DIFFRACTION' 
_refine_hist.cycle_id                         LAST 
_refine_hist.pdbx_number_atoms_protein        713 
_refine_hist.pdbx_number_atoms_nucleic_acid   0 
_refine_hist.pdbx_number_atoms_ligand         0 
_refine_hist.number_atoms_solvent             0 
_refine_hist.number_atoms_total               713 
_refine_hist.d_res_high                       3.0 
_refine_hist.d_res_low                        20.0 
# 
loop_
_refine_ls_restr.type 
_refine_ls_restr.dev_ideal 
_refine_ls_restr.dev_ideal_target 
_refine_ls_restr.weight 
_refine_ls_restr.number 
_refine_ls_restr.pdbx_refine_id 
_refine_ls_restr.pdbx_restraint_function 
s_bond_d               0.006 ? ? ? 'X-RAY DIFFRACTION' ? 
s_angle_d              0.022 ? ? ? 'X-RAY DIFFRACTION' ? 
s_similar_dist         ?     ? ? ? 'X-RAY DIFFRACTION' ? 
s_from_restr_planes    ?     ? ? ? 'X-RAY DIFFRACTION' ? 
s_zero_chiral_vol      ?     ? ? ? 'X-RAY DIFFRACTION' ? 
s_non_zero_chiral_vol  ?     ? ? ? 'X-RAY DIFFRACTION' ? 
s_anti_bump_dis_restr  ?     ? ? ? 'X-RAY DIFFRACTION' ? 
s_rigid_bond_adp_cmpnt ?     ? ? ? 'X-RAY DIFFRACTION' ? 
s_similar_adp_cmpnt    ?     ? ? ? 'X-RAY DIFFRACTION' ? 
s_approx_iso_adps      ?     ? ? ? 'X-RAY DIFFRACTION' ? 
# 
_pdbx_refine.pdbx_refine_id                              'X-RAY DIFFRACTION' 
_pdbx_refine.entry_id                                    1QOJ 
_pdbx_refine.R_factor_all_no_cutoff                      ? 
_pdbx_refine.R_factor_obs_no_cutoff                      0.3266 
_pdbx_refine.free_R_factor_no_cutoff                     ? 
_pdbx_refine.free_R_error_no_cutoff                      ? 
_pdbx_refine.free_R_val_test_set_size_perc_no_cutoff     ? 
_pdbx_refine.free_R_val_test_set_ct_no_cutoff            ? 
_pdbx_refine.R_factor_all_4sig_cutoff                    ? 
_pdbx_refine.R_factor_obs_4sig_cutoff                    0.286 
_pdbx_refine.free_R_factor_4sig_cutoff                   0.286 
_pdbx_refine.free_R_val_test_set_size_perc_4sig_cutoff   5 
_pdbx_refine.free_R_val_test_set_ct_4sig_cutoff          377 
_pdbx_refine.number_reflns_obs_4sig_cutoff               6689 
# 
_struct_ncs_oper.id             1 
_struct_ncs_oper.code           given 
_struct_ncs_oper.details        ? 
_struct_ncs_oper.matrix[1][1]   -0.81191696 
_struct_ncs_oper.matrix[1][2]   0.57879960 
_struct_ncs_oper.matrix[1][3]   -0.07602496 
_struct_ncs_oper.matrix[2][1]   0.58131740 
_struct_ncs_oper.matrix[2][2]   0.81354855 
_struct_ncs_oper.matrix[2][3]   -0.01446567 
_struct_ncs_oper.matrix[3][1]   0.05348509 
_struct_ncs_oper.matrix[3][2]   -0.05594598 
_struct_ncs_oper.matrix[3][3]   -0.99700158 
_struct_ncs_oper.vector[1]      1.03884 
_struct_ncs_oper.vector[2]      -0.45301 
_struct_ncs_oper.vector[3]      -0.01911 
# 
_struct.entry_id                  1QOJ 
_struct.title                     'Crystal Structure of E.coli UvrB C-terminal domain, and a model for UvrB-UvrC interaction.' 
_struct.pdbx_model_details        ? 
_struct.pdbx_CASP_flag            ? 
_struct.pdbx_model_type_details   ? 
# 
_struct_keywords.entry_id        1QOJ 
_struct_keywords.pdbx_keywords   'DNA EXCISION REPAIR' 
_struct_keywords.text            'DNA EXCISION REPAIR, NUCLEOTIDE EXCISION REPAIR, UVRB PROTEIN, UVRB-C INTERACTION' 
# 
loop_
_struct_asym.id 
_struct_asym.pdbx_blank_PDB_chainid_flag 
_struct_asym.pdbx_modified 
_struct_asym.entity_id 
_struct_asym.details 
A N N 1 ? 
B N N 1 ? 
# 
loop_
_struct_ref.id 
_struct_ref.db_name 
_struct_ref.db_code 
_struct_ref.entity_id 
_struct_ref.pdbx_seq_one_letter_code 
_struct_ref.pdbx_align_begin 
_struct_ref.pdbx_db_accession 
_struct_ref.pdbx_db_isoform 
1 PDB 1QOJ       1 ? ? 1QOJ   ? 
2 UNP UVRB_ECOLI 1 ? ? P07025 ? 
# 
loop_
_struct_ref_seq.align_id 
_struct_ref_seq.ref_id 
_struct_ref_seq.pdbx_PDB_id_code 
_struct_ref_seq.pdbx_strand_id 
_struct_ref_seq.seq_align_beg 
_struct_ref_seq.pdbx_seq_align_beg_ins_code 
_struct_ref_seq.seq_align_end 
_struct_ref_seq.pdbx_seq_align_end_ins_code 
_struct_ref_seq.pdbx_db_accession 
_struct_ref_seq.db_align_beg 
_struct_ref_seq.pdbx_db_align_beg_ins_code 
_struct_ref_seq.db_align_end 
_struct_ref_seq.pdbx_db_align_end_ins_code 
_struct_ref_seq.pdbx_auth_seq_align_beg 
_struct_ref_seq.pdbx_auth_seq_align_end 
1 1 1QOJ A 1 ? 7  ? 1QOJ   611 ? 617 ? 611 617 
2 2 1QOJ A 8 ? 63 ? P07025 618 ? 673 ? 618 673 
3 1 1QOJ B 1 ? 7  ? 1QOJ   611 ? 617 ? 611 617 
4 2 1QOJ B 8 ? 63 ? P07025 618 ? 673 ? 618 673 
# 
loop_
_struct_ref_seq_dif.align_id 
_struct_ref_seq_dif.pdbx_pdb_id_code 
_struct_ref_seq_dif.mon_id 
_struct_ref_seq_dif.pdbx_pdb_strand_id 
_struct_ref_seq_dif.seq_num 
_struct_ref_seq_dif.pdbx_pdb_ins_code 
_struct_ref_seq_dif.pdbx_seq_db_name 
_struct_ref_seq_dif.pdbx_seq_db_accession_code 
_struct_ref_seq_dif.db_mon_id 
_struct_ref_seq_dif.pdbx_seq_db_seq_num 
_struct_ref_seq_dif.details 
_struct_ref_seq_dif.pdbx_auth_seq_num 
_struct_ref_seq_dif.pdbx_ordinal 
1 1QOJ MSE A 33 ? UNP P07025 MET 643 'modified residue' 643 1 
1 1QOJ MSE A 34 ? UNP P07025 MET 644 'modified residue' 644 2 
3 1QOJ MSE B 17 ? UNP P07025 MET 627 'modified residue' 627 3 
3 1QOJ MSE B 33 ? UNP P07025 MET 643 'modified residue' 643 4 
3 1QOJ MSE B 34 ? UNP P07025 MET 644 'modified residue' 644 5 
# 
_pdbx_struct_assembly.id                   1 
_pdbx_struct_assembly.details              software_defined_assembly 
_pdbx_struct_assembly.method_details       PQS 
_pdbx_struct_assembly.oligomeric_details   tetrameric 
_pdbx_struct_assembly.oligomeric_count     4 
# 
loop_
_pdbx_struct_assembly_prop.biol_id 
_pdbx_struct_assembly_prop.type 
_pdbx_struct_assembly_prop.value 
_pdbx_struct_assembly_prop.details 
1 'ABSA (A^2)' 2180  ? 
1 MORE         -21.5 ? 
1 'SSA (A^2)'  13360 ? 
# 
_pdbx_struct_assembly_gen.assembly_id       1 
_pdbx_struct_assembly_gen.oper_expression   1,2 
_pdbx_struct_assembly_gen.asym_id_list      A,B 
# 
loop_
_pdbx_struct_oper_list.id 
_pdbx_struct_oper_list.type 
_pdbx_struct_oper_list.name 
_pdbx_struct_oper_list.symmetry_operation 
_pdbx_struct_oper_list.matrix[1][1] 
_pdbx_struct_oper_list.matrix[1][2] 
_pdbx_struct_oper_list.matrix[1][3] 
_pdbx_struct_oper_list.vector[1] 
_pdbx_struct_oper_list.matrix[2][1] 
_pdbx_struct_oper_list.matrix[2][2] 
_pdbx_struct_oper_list.matrix[2][3] 
_pdbx_struct_oper_list.vector[2] 
_pdbx_struct_oper_list.matrix[3][1] 
_pdbx_struct_oper_list.matrix[3][2] 
_pdbx_struct_oper_list.matrix[3][3] 
_pdbx_struct_oper_list.vector[3] 
1 'identity operation'         1_555 x,y,z       1.0000000000 0.0000000000  0.0000000000  0.0000000000   0.0000000000  1.0000000000  0.0000000000 0.0000000000  0.0000000000  0.0000000000 1.0000000000  0.0000000000   
2 'crystal symmetry operation' 4_675 -x+1,-y+2,z 0.2955983649 -0.4990362096 -0.8146069409 -28.2962887416 -0.4990362096 -0.8077821451 0.3137688122 -4.7169979566 -0.8146069409 0.3137688122 -0.4878162198 -42.1143878395 
# 
_struct_biol.id   1 
# 
loop_
_struct_conf.conf_type_id 
_struct_conf.id 
_struct_conf.pdbx_PDB_helix_id 
_struct_conf.beg_label_comp_id 
_struct_conf.beg_label_asym_id 
_struct_conf.beg_label_seq_id 
_struct_conf.pdbx_beg_PDB_ins_code 
_struct_conf.end_label_comp_id 
_struct_conf.end_label_asym_id 
_struct_conf.end_label_seq_id 
_struct_conf.pdbx_end_PDB_ins_code 
_struct_conf.beg_auth_comp_id 
_struct_conf.beg_auth_asym_id 
_struct_conf.beg_auth_seq_id 
_struct_conf.end_auth_comp_id 
_struct_conf.end_auth_asym_id 
_struct_conf.end_auth_seq_id 
_struct_conf.pdbx_PDB_helix_class 
_struct_conf.details 
_struct_conf.pdbx_PDB_helix_length 
HELX_P HELX_P1 1 SER A 18 ? LEU A 32 ? SER A 628 LEU A 642 1 ? 15 
HELX_P HELX_P2 2 HIS A 36 ? LEU A 40 ? HIS A 646 LEU A 650 5 ? 5  
HELX_P HELX_P3 3 GLU A 43 ? ALA A 62 ? GLU A 653 ALA A 672 1 ? 20 
HELX_P HELX_P4 4 SER B 18 ? LEU B 32 ? SER B 628 LEU B 642 1 ? 15 
HELX_P HELX_P5 5 HIS B 36 ? LEU B 40 ? HIS B 646 LEU B 650 5 ? 5  
HELX_P HELX_P6 6 GLU B 43 ? SER B 63 ? GLU B 653 SER B 673 1 ? 21 
# 
_struct_conf_type.id          HELX_P 
_struct_conf_type.criteria    ? 
_struct_conf_type.reference   ? 
# 
loop_
_struct_conn.id 
_struct_conn.conn_type_id 
_struct_conn.pdbx_leaving_atom_flag 
_struct_conn.pdbx_PDB_id 
_struct_conn.ptnr1_label_asym_id 
_struct_conn.ptnr1_label_comp_id 
_struct_conn.ptnr1_label_seq_id 
_struct_conn.ptnr1_label_atom_id 
_struct_conn.pdbx_ptnr1_label_alt_id 
_struct_conn.pdbx_ptnr1_PDB_ins_code 
_struct_conn.pdbx_ptnr1_standard_comp_id 
_struct_conn.ptnr1_symmetry 
_struct_conn.ptnr2_label_asym_id 
_struct_conn.ptnr2_label_comp_id 
_struct_conn.ptnr2_label_seq_id 
_struct_conn.ptnr2_label_atom_id 
_struct_conn.pdbx_ptnr2_label_alt_id 
_struct_conn.pdbx_ptnr2_PDB_ins_code 
_struct_conn.ptnr1_auth_asym_id 
_struct_conn.ptnr1_auth_comp_id 
_struct_conn.ptnr1_auth_seq_id 
_struct_conn.ptnr2_auth_asym_id 
_struct_conn.ptnr2_auth_comp_id 
_struct_conn.ptnr2_auth_seq_id 
_struct_conn.ptnr2_symmetry 
_struct_conn.pdbx_ptnr3_label_atom_id 
_struct_conn.pdbx_ptnr3_label_seq_id 
_struct_conn.pdbx_ptnr3_label_comp_id 
_struct_conn.pdbx_ptnr3_label_asym_id 
_struct_conn.pdbx_ptnr3_label_alt_id 
_struct_conn.pdbx_ptnr3_PDB_ins_code 
_struct_conn.details 
_struct_conn.pdbx_dist_value 
_struct_conn.pdbx_value_order 
_struct_conn.pdbx_role 
covale1 covale both ? A LEU 32 C ? ? ? 1_555 A MSE 33 N ? ? A LEU 642 A MSE 643 1_555 ? ? ? ? ? ? ? 1.327 ? ? 
covale2 covale both ? A MSE 33 C ? ? ? 1_555 A MSE 34 N ? ? A MSE 643 A MSE 644 1_555 ? ? ? ? ? ? ? 1.314 ? ? 
covale3 covale both ? A MSE 34 C ? ? ? 1_555 A GLN 35 N ? ? A MSE 644 A GLN 645 1_555 ? ? ? ? ? ? ? 1.327 ? ? 
covale4 covale both ? B MSE 17 C ? ? ? 1_555 B SER 18 N ? ? B MSE 627 B SER 628 1_555 ? ? ? ? ? ? ? 1.327 ? ? 
covale5 covale both ? B LEU 32 C ? ? ? 1_555 B MSE 33 N ? ? B LEU 642 B MSE 643 1_555 ? ? ? ? ? ? ? 1.341 ? ? 
covale6 covale both ? B MSE 33 C ? ? ? 1_555 B MSE 34 N ? ? B MSE 643 B MSE 644 1_555 ? ? ? ? ? ? ? 1.338 ? ? 
covale7 covale both ? B MSE 34 C ? ? ? 1_555 B GLN 35 N ? ? B MSE 644 B GLN 645 1_555 ? ? ? ? ? ? ? 1.321 ? ? 
# 
_struct_conn_type.id          covale 
_struct_conn_type.criteria    ? 
_struct_conn_type.reference   ? 
# 
loop_
_pdbx_modification_feature.ordinal 
_pdbx_modification_feature.label_comp_id 
_pdbx_modification_feature.label_asym_id 
_pdbx_modification_feature.label_seq_id 
_pdbx_modification_feature.label_alt_id 
_pdbx_modification_feature.modified_residue_label_comp_id 
_pdbx_modification_feature.modified_residue_label_asym_id 
_pdbx_modification_feature.modified_residue_label_seq_id 
_pdbx_modification_feature.modified_residue_label_alt_id 
_pdbx_modification_feature.auth_comp_id 
_pdbx_modification_feature.auth_asym_id 
_pdbx_modification_feature.auth_seq_id 
_pdbx_modification_feature.PDB_ins_code 
_pdbx_modification_feature.symmetry 
_pdbx_modification_feature.modified_residue_auth_comp_id 
_pdbx_modification_feature.modified_residue_auth_asym_id 
_pdbx_modification_feature.modified_residue_auth_seq_id 
_pdbx_modification_feature.modified_residue_PDB_ins_code 
_pdbx_modification_feature.modified_residue_symmetry 
_pdbx_modification_feature.comp_id_linking_atom 
_pdbx_modification_feature.modified_residue_id_linking_atom 
_pdbx_modification_feature.modified_residue_id 
_pdbx_modification_feature.ref_pcm_id 
_pdbx_modification_feature.ref_comp_id 
_pdbx_modification_feature.type 
_pdbx_modification_feature.category 
1 MSE A 33 ? . . . . MSE A 643 ? 1_555 . . . . . . . MET 1 MSE Selenomethionine 'Named protein modification' 
2 MSE A 34 ? . . . . MSE A 644 ? 1_555 . . . . . . . MET 1 MSE Selenomethionine 'Named protein modification' 
3 MSE B 17 ? . . . . MSE B 627 ? 1_555 . . . . . . . MET 1 MSE Selenomethionine 'Named protein modification' 
4 MSE B 33 ? . . . . MSE B 643 ? 1_555 . . . . . . . MET 1 MSE Selenomethionine 'Named protein modification' 
5 MSE B 34 ? . . . . MSE B 644 ? 1_555 . . . . . . . MET 1 MSE Selenomethionine 'Named protein modification' 
# 
_pdbx_entry_details.entry_id                   1QOJ 
_pdbx_entry_details.compound_details           ? 
_pdbx_entry_details.source_details             ? 
_pdbx_entry_details.nonpolymer_details         ? 
_pdbx_entry_details.sequence_details           ? 
_pdbx_entry_details.has_ligand_of_interest     ? 
_pdbx_entry_details.has_protein_modification   Y 
# 
_pdbx_validate_rmsd_angle.id                         1 
_pdbx_validate_rmsd_angle.PDB_model_num              1 
_pdbx_validate_rmsd_angle.auth_atom_id_1             CB 
_pdbx_validate_rmsd_angle.auth_asym_id_1             B 
_pdbx_validate_rmsd_angle.auth_comp_id_1             MSE 
_pdbx_validate_rmsd_angle.auth_seq_id_1              644 
_pdbx_validate_rmsd_angle.PDB_ins_code_1             ? 
_pdbx_validate_rmsd_angle.label_alt_id_1             ? 
_pdbx_validate_rmsd_angle.auth_atom_id_2             CG 
_pdbx_validate_rmsd_angle.auth_asym_id_2             B 
_pdbx_validate_rmsd_angle.auth_comp_id_2             MSE 
_pdbx_validate_rmsd_angle.auth_seq_id_2              644 
_pdbx_validate_rmsd_angle.PDB_ins_code_2             ? 
_pdbx_validate_rmsd_angle.label_alt_id_2             ? 
_pdbx_validate_rmsd_angle.auth_atom_id_3             SE 
_pdbx_validate_rmsd_angle.auth_asym_id_3             B 
_pdbx_validate_rmsd_angle.auth_comp_id_3             MSE 
_pdbx_validate_rmsd_angle.auth_seq_id_3              644 
_pdbx_validate_rmsd_angle.PDB_ins_code_3             ? 
_pdbx_validate_rmsd_angle.label_alt_id_3             ? 
_pdbx_validate_rmsd_angle.angle_value                131.07 
_pdbx_validate_rmsd_angle.angle_target_value         112.70 
_pdbx_validate_rmsd_angle.angle_deviation            18.37 
_pdbx_validate_rmsd_angle.angle_standard_deviation   3.00 
_pdbx_validate_rmsd_angle.linker_flag                N 
# 
loop_
_pdbx_validate_torsion.id 
_pdbx_validate_torsion.PDB_model_num 
_pdbx_validate_torsion.auth_comp_id 
_pdbx_validate_torsion.auth_asym_id 
_pdbx_validate_torsion.auth_seq_id 
_pdbx_validate_torsion.PDB_ins_code 
_pdbx_validate_torsion.label_alt_id 
_pdbx_validate_torsion.phi 
_pdbx_validate_torsion.psi 
1 1 PHE A 652 ? ? -69.01 -143.42 
2 1 GLU A 653 ? ? 62.11  -87.31  
3 1 PHE A 669 ? ? -53.42 -71.50  
4 1 ALA A 672 ? ? -80.66 47.83   
5 1 PHE B 652 ? ? -68.75 -149.50 
6 1 GLU B 653 ? ? 65.82  -87.53  
7 1 ARG B 666 ? ? -50.12 -74.66  
# 
loop_
_pdbx_struct_mod_residue.id 
_pdbx_struct_mod_residue.label_asym_id 
_pdbx_struct_mod_residue.label_comp_id 
_pdbx_struct_mod_residue.label_seq_id 
_pdbx_struct_mod_residue.auth_asym_id 
_pdbx_struct_mod_residue.auth_comp_id 
_pdbx_struct_mod_residue.auth_seq_id 
_pdbx_struct_mod_residue.PDB_ins_code 
_pdbx_struct_mod_residue.parent_comp_id 
_pdbx_struct_mod_residue.details 
1 A MSE 33 A MSE 643 ? MET SELENOMETHIONINE 
2 A MSE 34 A MSE 644 ? MET SELENOMETHIONINE 
3 B MSE 17 B MSE 627 ? MET SELENOMETHIONINE 
4 B MSE 33 B MSE 643 ? MET SELENOMETHIONINE 
5 B MSE 34 B MSE 644 ? MET SELENOMETHIONINE 
# 
loop_
_pdbx_unobs_or_zero_occ_residues.id 
_pdbx_unobs_or_zero_occ_residues.PDB_model_num 
_pdbx_unobs_or_zero_occ_residues.polymer_flag 
_pdbx_unobs_or_zero_occ_residues.occupancy_flag 
_pdbx_unobs_or_zero_occ_residues.auth_asym_id 
_pdbx_unobs_or_zero_occ_residues.auth_comp_id 
_pdbx_unobs_or_zero_occ_residues.auth_seq_id 
_pdbx_unobs_or_zero_occ_residues.PDB_ins_code 
_pdbx_unobs_or_zero_occ_residues.label_asym_id 
_pdbx_unobs_or_zero_occ_residues.label_comp_id 
_pdbx_unobs_or_zero_occ_residues.label_seq_id 
1  1 Y 1 A MSE 611 ? A MSE 1  
2  1 Y 1 A HIS 612 ? A HIS 2  
3  1 Y 1 A HIS 613 ? A HIS 3  
4  1 Y 1 A HIS 614 ? A HIS 4  
5  1 Y 1 A HIS 615 ? A HIS 5  
6  1 Y 1 A HIS 616 ? A HIS 6  
7  1 Y 1 A HIS 617 ? A HIS 7  
8  1 Y 1 A LEU 618 ? A LEU 8  
9  1 Y 1 A GLU 619 ? A GLU 9  
10 1 Y 1 A PRO 620 ? A PRO 10 
11 1 Y 1 A ASP 621 ? A ASP 11 
12 1 Y 1 A ASN 622 ? A ASN 12 
13 1 Y 1 A VAL 623 ? A VAL 13 
14 1 Y 1 A PRO 624 ? A PRO 14 
15 1 Y 1 A MSE 625 ? A MSE 15 
16 1 Y 1 A ASP 626 ? A ASP 16 
17 1 Y 1 A MSE 627 ? A MSE 17 
18 1 Y 1 B MSE 611 ? B MSE 1  
19 1 Y 1 B HIS 612 ? B HIS 2  
20 1 Y 1 B HIS 613 ? B HIS 3  
21 1 Y 1 B HIS 614 ? B HIS 4  
22 1 Y 1 B HIS 615 ? B HIS 5  
23 1 Y 1 B HIS 616 ? B HIS 6  
24 1 Y 1 B HIS 617 ? B HIS 7  
25 1 Y 1 B LEU 618 ? B LEU 8  
26 1 Y 1 B GLU 619 ? B GLU 9  
27 1 Y 1 B PRO 620 ? B PRO 10 
28 1 Y 1 B ASP 621 ? B ASP 11 
29 1 Y 1 B ASN 622 ? B ASN 12 
30 1 Y 1 B VAL 623 ? B VAL 13 
31 1 Y 1 B PRO 624 ? B PRO 14 
32 1 Y 1 B MSE 625 ? B MSE 15 
33 1 Y 1 B ASP 626 ? B ASP 16 
# 
loop_
_chem_comp_atom.comp_id 
_chem_comp_atom.atom_id 
_chem_comp_atom.type_symbol 
_chem_comp_atom.pdbx_aromatic_flag 
_chem_comp_atom.pdbx_stereo_config 
_chem_comp_atom.pdbx_ordinal 
ALA N    N  N N 1   
ALA CA   C  N S 2   
ALA C    C  N N 3   
ALA O    O  N N 4   
ALA CB   C  N N 5   
ALA OXT  O  N N 6   
ALA H    H  N N 7   
ALA H2   H  N N 8   
ALA HA   H  N N 9   
ALA HB1  H  N N 10  
ALA HB2  H  N N 11  
ALA HB3  H  N N 12  
ALA HXT  H  N N 13  
ARG N    N  N N 14  
ARG CA   C  N S 15  
ARG C    C  N N 16  
ARG O    O  N N 17  
ARG CB   C  N N 18  
ARG CG   C  N N 19  
ARG CD   C  N N 20  
ARG NE   N  N N 21  
ARG CZ   C  N N 22  
ARG NH1  N  N N 23  
ARG NH2  N  N N 24  
ARG OXT  O  N N 25  
ARG H    H  N N 26  
ARG H2   H  N N 27  
ARG HA   H  N N 28  
ARG HB2  H  N N 29  
ARG HB3  H  N N 30  
ARG HG2  H  N N 31  
ARG HG3  H  N N 32  
ARG HD2  H  N N 33  
ARG HD3  H  N N 34  
ARG HE   H  N N 35  
ARG HH11 H  N N 36  
ARG HH12 H  N N 37  
ARG HH21 H  N N 38  
ARG HH22 H  N N 39  
ARG HXT  H  N N 40  
ASN N    N  N N 41  
ASN CA   C  N S 42  
ASN C    C  N N 43  
ASN O    O  N N 44  
ASN CB   C  N N 45  
ASN CG   C  N N 46  
ASN OD1  O  N N 47  
ASN ND2  N  N N 48  
ASN OXT  O  N N 49  
ASN H    H  N N 50  
ASN H2   H  N N 51  
ASN HA   H  N N 52  
ASN HB2  H  N N 53  
ASN HB3  H  N N 54  
ASN HD21 H  N N 55  
ASN HD22 H  N N 56  
ASN HXT  H  N N 57  
ASP N    N  N N 58  
ASP CA   C  N S 59  
ASP C    C  N N 60  
ASP O    O  N N 61  
ASP CB   C  N N 62  
ASP CG   C  N N 63  
ASP OD1  O  N N 64  
ASP OD2  O  N N 65  
ASP OXT  O  N N 66  
ASP H    H  N N 67  
ASP H2   H  N N 68  
ASP HA   H  N N 69  
ASP HB2  H  N N 70  
ASP HB3  H  N N 71  
ASP HD2  H  N N 72  
ASP HXT  H  N N 73  
GLN N    N  N N 74  
GLN CA   C  N S 75  
GLN C    C  N N 76  
GLN O    O  N N 77  
GLN CB   C  N N 78  
GLN CG   C  N N 79  
GLN CD   C  N N 80  
GLN OE1  O  N N 81  
GLN NE2  N  N N 82  
GLN OXT  O  N N 83  
GLN H    H  N N 84  
GLN H2   H  N N 85  
GLN HA   H  N N 86  
GLN HB2  H  N N 87  
GLN HB3  H  N N 88  
GLN HG2  H  N N 89  
GLN HG3  H  N N 90  
GLN HE21 H  N N 91  
GLN HE22 H  N N 92  
GLN HXT  H  N N 93  
GLU N    N  N N 94  
GLU CA   C  N S 95  
GLU C    C  N N 96  
GLU O    O  N N 97  
GLU CB   C  N N 98  
GLU CG   C  N N 99  
GLU CD   C  N N 100 
GLU OE1  O  N N 101 
GLU OE2  O  N N 102 
GLU OXT  O  N N 103 
GLU H    H  N N 104 
GLU H2   H  N N 105 
GLU HA   H  N N 106 
GLU HB2  H  N N 107 
GLU HB3  H  N N 108 
GLU HG2  H  N N 109 
GLU HG3  H  N N 110 
GLU HE2  H  N N 111 
GLU HXT  H  N N 112 
GLY N    N  N N 113 
GLY CA   C  N N 114 
GLY C    C  N N 115 
GLY O    O  N N 116 
GLY OXT  O  N N 117 
GLY H    H  N N 118 
GLY H2   H  N N 119 
GLY HA2  H  N N 120 
GLY HA3  H  N N 121 
GLY HXT  H  N N 122 
HIS N    N  N N 123 
HIS CA   C  N S 124 
HIS C    C  N N 125 
HIS O    O  N N 126 
HIS CB   C  N N 127 
HIS CG   C  Y N 128 
HIS ND1  N  Y N 129 
HIS CD2  C  Y N 130 
HIS CE1  C  Y N 131 
HIS NE2  N  Y N 132 
HIS OXT  O  N N 133 
HIS H    H  N N 134 
HIS H2   H  N N 135 
HIS HA   H  N N 136 
HIS HB2  H  N N 137 
HIS HB3  H  N N 138 
HIS HD1  H  N N 139 
HIS HD2  H  N N 140 
HIS HE1  H  N N 141 
HIS HE2  H  N N 142 
HIS HXT  H  N N 143 
ILE N    N  N N 144 
ILE CA   C  N S 145 
ILE C    C  N N 146 
ILE O    O  N N 147 
ILE CB   C  N S 148 
ILE CG1  C  N N 149 
ILE CG2  C  N N 150 
ILE CD1  C  N N 151 
ILE OXT  O  N N 152 
ILE H    H  N N 153 
ILE H2   H  N N 154 
ILE HA   H  N N 155 
ILE HB   H  N N 156 
ILE HG12 H  N N 157 
ILE HG13 H  N N 158 
ILE HG21 H  N N 159 
ILE HG22 H  N N 160 
ILE HG23 H  N N 161 
ILE HD11 H  N N 162 
ILE HD12 H  N N 163 
ILE HD13 H  N N 164 
ILE HXT  H  N N 165 
LEU N    N  N N 166 
LEU CA   C  N S 167 
LEU C    C  N N 168 
LEU O    O  N N 169 
LEU CB   C  N N 170 
LEU CG   C  N N 171 
LEU CD1  C  N N 172 
LEU CD2  C  N N 173 
LEU OXT  O  N N 174 
LEU H    H  N N 175 
LEU H2   H  N N 176 
LEU HA   H  N N 177 
LEU HB2  H  N N 178 
LEU HB3  H  N N 179 
LEU HG   H  N N 180 
LEU HD11 H  N N 181 
LEU HD12 H  N N 182 
LEU HD13 H  N N 183 
LEU HD21 H  N N 184 
LEU HD22 H  N N 185 
LEU HD23 H  N N 186 
LEU HXT  H  N N 187 
LYS N    N  N N 188 
LYS CA   C  N S 189 
LYS C    C  N N 190 
LYS O    O  N N 191 
LYS CB   C  N N 192 
LYS CG   C  N N 193 
LYS CD   C  N N 194 
LYS CE   C  N N 195 
LYS NZ   N  N N 196 
LYS OXT  O  N N 197 
LYS H    H  N N 198 
LYS H2   H  N N 199 
LYS HA   H  N N 200 
LYS HB2  H  N N 201 
LYS HB3  H  N N 202 
LYS HG2  H  N N 203 
LYS HG3  H  N N 204 
LYS HD2  H  N N 205 
LYS HD3  H  N N 206 
LYS HE2  H  N N 207 
LYS HE3  H  N N 208 
LYS HZ1  H  N N 209 
LYS HZ2  H  N N 210 
LYS HZ3  H  N N 211 
LYS HXT  H  N N 212 
MET N    N  N N 213 
MET CA   C  N S 214 
MET C    C  N N 215 
MET O    O  N N 216 
MET CB   C  N N 217 
MET CG   C  N N 218 
MET SD   S  N N 219 
MET CE   C  N N 220 
MET OXT  O  N N 221 
MET H    H  N N 222 
MET H2   H  N N 223 
MET HA   H  N N 224 
MET HB2  H  N N 225 
MET HB3  H  N N 226 
MET HG2  H  N N 227 
MET HG3  H  N N 228 
MET HE1  H  N N 229 
MET HE2  H  N N 230 
MET HE3  H  N N 231 
MET HXT  H  N N 232 
MSE N    N  N N 233 
MSE CA   C  N S 234 
MSE C    C  N N 235 
MSE O    O  N N 236 
MSE OXT  O  N N 237 
MSE CB   C  N N 238 
MSE CG   C  N N 239 
MSE SE   SE N N 240 
MSE CE   C  N N 241 
MSE H    H  N N 242 
MSE H2   H  N N 243 
MSE HA   H  N N 244 
MSE HXT  H  N N 245 
MSE HB2  H  N N 246 
MSE HB3  H  N N 247 
MSE HG2  H  N N 248 
MSE HG3  H  N N 249 
MSE HE1  H  N N 250 
MSE HE2  H  N N 251 
MSE HE3  H  N N 252 
PHE N    N  N N 253 
PHE CA   C  N S 254 
PHE C    C  N N 255 
PHE O    O  N N 256 
PHE CB   C  N N 257 
PHE CG   C  Y N 258 
PHE CD1  C  Y N 259 
PHE CD2  C  Y N 260 
PHE CE1  C  Y N 261 
PHE CE2  C  Y N 262 
PHE CZ   C  Y N 263 
PHE OXT  O  N N 264 
PHE H    H  N N 265 
PHE H2   H  N N 266 
PHE HA   H  N N 267 
PHE HB2  H  N N 268 
PHE HB3  H  N N 269 
PHE HD1  H  N N 270 
PHE HD2  H  N N 271 
PHE HE1  H  N N 272 
PHE HE2  H  N N 273 
PHE HZ   H  N N 274 
PHE HXT  H  N N 275 
PRO N    N  N N 276 
PRO CA   C  N S 277 
PRO C    C  N N 278 
PRO O    O  N N 279 
PRO CB   C  N N 280 
PRO CG   C  N N 281 
PRO CD   C  N N 282 
PRO OXT  O  N N 283 
PRO H    H  N N 284 
PRO HA   H  N N 285 
PRO HB2  H  N N 286 
PRO HB3  H  N N 287 
PRO HG2  H  N N 288 
PRO HG3  H  N N 289 
PRO HD2  H  N N 290 
PRO HD3  H  N N 291 
PRO HXT  H  N N 292 
SER N    N  N N 293 
SER CA   C  N S 294 
SER C    C  N N 295 
SER O    O  N N 296 
SER CB   C  N N 297 
SER OG   O  N N 298 
SER OXT  O  N N 299 
SER H    H  N N 300 
SER H2   H  N N 301 
SER HA   H  N N 302 
SER HB2  H  N N 303 
SER HB3  H  N N 304 
SER HG   H  N N 305 
SER HXT  H  N N 306 
VAL N    N  N N 307 
VAL CA   C  N S 308 
VAL C    C  N N 309 
VAL O    O  N N 310 
VAL CB   C  N N 311 
VAL CG1  C  N N 312 
VAL CG2  C  N N 313 
VAL OXT  O  N N 314 
VAL H    H  N N 315 
VAL H2   H  N N 316 
VAL HA   H  N N 317 
VAL HB   H  N N 318 
VAL HG11 H  N N 319 
VAL HG12 H  N N 320 
VAL HG13 H  N N 321 
VAL HG21 H  N N 322 
VAL HG22 H  N N 323 
VAL HG23 H  N N 324 
VAL HXT  H  N N 325 
# 
loop_
_chem_comp_bond.comp_id 
_chem_comp_bond.atom_id_1 
_chem_comp_bond.atom_id_2 
_chem_comp_bond.value_order 
_chem_comp_bond.pdbx_aromatic_flag 
_chem_comp_bond.pdbx_stereo_config 
_chem_comp_bond.pdbx_ordinal 
ALA N   CA   sing N N 1   
ALA N   H    sing N N 2   
ALA N   H2   sing N N 3   
ALA CA  C    sing N N 4   
ALA CA  CB   sing N N 5   
ALA CA  HA   sing N N 6   
ALA C   O    doub N N 7   
ALA C   OXT  sing N N 8   
ALA CB  HB1  sing N N 9   
ALA CB  HB2  sing N N 10  
ALA CB  HB3  sing N N 11  
ALA OXT HXT  sing N N 12  
ARG N   CA   sing N N 13  
ARG N   H    sing N N 14  
ARG N   H2   sing N N 15  
ARG CA  C    sing N N 16  
ARG CA  CB   sing N N 17  
ARG CA  HA   sing N N 18  
ARG C   O    doub N N 19  
ARG C   OXT  sing N N 20  
ARG CB  CG   sing N N 21  
ARG CB  HB2  sing N N 22  
ARG CB  HB3  sing N N 23  
ARG CG  CD   sing N N 24  
ARG CG  HG2  sing N N 25  
ARG CG  HG3  sing N N 26  
ARG CD  NE   sing N N 27  
ARG CD  HD2  sing N N 28  
ARG CD  HD3  sing N N 29  
ARG NE  CZ   sing N N 30  
ARG NE  HE   sing N N 31  
ARG CZ  NH1  sing N N 32  
ARG CZ  NH2  doub N N 33  
ARG NH1 HH11 sing N N 34  
ARG NH1 HH12 sing N N 35  
ARG NH2 HH21 sing N N 36  
ARG NH2 HH22 sing N N 37  
ARG OXT HXT  sing N N 38  
ASN N   CA   sing N N 39  
ASN N   H    sing N N 40  
ASN N   H2   sing N N 41  
ASN CA  C    sing N N 42  
ASN CA  CB   sing N N 43  
ASN CA  HA   sing N N 44  
ASN C   O    doub N N 45  
ASN C   OXT  sing N N 46  
ASN CB  CG   sing N N 47  
ASN CB  HB2  sing N N 48  
ASN CB  HB3  sing N N 49  
ASN CG  OD1  doub N N 50  
ASN CG  ND2  sing N N 51  
ASN ND2 HD21 sing N N 52  
ASN ND2 HD22 sing N N 53  
ASN OXT HXT  sing N N 54  
ASP N   CA   sing N N 55  
ASP N   H    sing N N 56  
ASP N   H2   sing N N 57  
ASP CA  C    sing N N 58  
ASP CA  CB   sing N N 59  
ASP CA  HA   sing N N 60  
ASP C   O    doub N N 61  
ASP C   OXT  sing N N 62  
ASP CB  CG   sing N N 63  
ASP CB  HB2  sing N N 64  
ASP CB  HB3  sing N N 65  
ASP CG  OD1  doub N N 66  
ASP CG  OD2  sing N N 67  
ASP OD2 HD2  sing N N 68  
ASP OXT HXT  sing N N 69  
GLN N   CA   sing N N 70  
GLN N   H    sing N N 71  
GLN N   H2   sing N N 72  
GLN CA  C    sing N N 73  
GLN CA  CB   sing N N 74  
GLN CA  HA   sing N N 75  
GLN C   O    doub N N 76  
GLN C   OXT  sing N N 77  
GLN CB  CG   sing N N 78  
GLN CB  HB2  sing N N 79  
GLN CB  HB3  sing N N 80  
GLN CG  CD   sing N N 81  
GLN CG  HG2  sing N N 82  
GLN CG  HG3  sing N N 83  
GLN CD  OE1  doub N N 84  
GLN CD  NE2  sing N N 85  
GLN NE2 HE21 sing N N 86  
GLN NE2 HE22 sing N N 87  
GLN OXT HXT  sing N N 88  
GLU N   CA   sing N N 89  
GLU N   H    sing N N 90  
GLU N   H2   sing N N 91  
GLU CA  C    sing N N 92  
GLU CA  CB   sing N N 93  
GLU CA  HA   sing N N 94  
GLU C   O    doub N N 95  
GLU C   OXT  sing N N 96  
GLU CB  CG   sing N N 97  
GLU CB  HB2  sing N N 98  
GLU CB  HB3  sing N N 99  
GLU CG  CD   sing N N 100 
GLU CG  HG2  sing N N 101 
GLU CG  HG3  sing N N 102 
GLU CD  OE1  doub N N 103 
GLU CD  OE2  sing N N 104 
GLU OE2 HE2  sing N N 105 
GLU OXT HXT  sing N N 106 
GLY N   CA   sing N N 107 
GLY N   H    sing N N 108 
GLY N   H2   sing N N 109 
GLY CA  C    sing N N 110 
GLY CA  HA2  sing N N 111 
GLY CA  HA3  sing N N 112 
GLY C   O    doub N N 113 
GLY C   OXT  sing N N 114 
GLY OXT HXT  sing N N 115 
HIS N   CA   sing N N 116 
HIS N   H    sing N N 117 
HIS N   H2   sing N N 118 
HIS CA  C    sing N N 119 
HIS CA  CB   sing N N 120 
HIS CA  HA   sing N N 121 
HIS C   O    doub N N 122 
HIS C   OXT  sing N N 123 
HIS CB  CG   sing N N 124 
HIS CB  HB2  sing N N 125 
HIS CB  HB3  sing N N 126 
HIS CG  ND1  sing Y N 127 
HIS CG  CD2  doub Y N 128 
HIS ND1 CE1  doub Y N 129 
HIS ND1 HD1  sing N N 130 
HIS CD2 NE2  sing Y N 131 
HIS CD2 HD2  sing N N 132 
HIS CE1 NE2  sing Y N 133 
HIS CE1 HE1  sing N N 134 
HIS NE2 HE2  sing N N 135 
HIS OXT HXT  sing N N 136 
ILE N   CA   sing N N 137 
ILE N   H    sing N N 138 
ILE N   H2   sing N N 139 
ILE CA  C    sing N N 140 
ILE CA  CB   sing N N 141 
ILE CA  HA   sing N N 142 
ILE C   O    doub N N 143 
ILE C   OXT  sing N N 144 
ILE CB  CG1  sing N N 145 
ILE CB  CG2  sing N N 146 
ILE CB  HB   sing N N 147 
ILE CG1 CD1  sing N N 148 
ILE CG1 HG12 sing N N 149 
ILE CG1 HG13 sing N N 150 
ILE CG2 HG21 sing N N 151 
ILE CG2 HG22 sing N N 152 
ILE CG2 HG23 sing N N 153 
ILE CD1 HD11 sing N N 154 
ILE CD1 HD12 sing N N 155 
ILE CD1 HD13 sing N N 156 
ILE OXT HXT  sing N N 157 
LEU N   CA   sing N N 158 
LEU N   H    sing N N 159 
LEU N   H2   sing N N 160 
LEU CA  C    sing N N 161 
LEU CA  CB   sing N N 162 
LEU CA  HA   sing N N 163 
LEU C   O    doub N N 164 
LEU C   OXT  sing N N 165 
LEU CB  CG   sing N N 166 
LEU CB  HB2  sing N N 167 
LEU CB  HB3  sing N N 168 
LEU CG  CD1  sing N N 169 
LEU CG  CD2  sing N N 170 
LEU CG  HG   sing N N 171 
LEU CD1 HD11 sing N N 172 
LEU CD1 HD12 sing N N 173 
LEU CD1 HD13 sing N N 174 
LEU CD2 HD21 sing N N 175 
LEU CD2 HD22 sing N N 176 
LEU CD2 HD23 sing N N 177 
LEU OXT HXT  sing N N 178 
LYS N   CA   sing N N 179 
LYS N   H    sing N N 180 
LYS N   H2   sing N N 181 
LYS CA  C    sing N N 182 
LYS CA  CB   sing N N 183 
LYS CA  HA   sing N N 184 
LYS C   O    doub N N 185 
LYS C   OXT  sing N N 186 
LYS CB  CG   sing N N 187 
LYS CB  HB2  sing N N 188 
LYS CB  HB3  sing N N 189 
LYS CG  CD   sing N N 190 
LYS CG  HG2  sing N N 191 
LYS CG  HG3  sing N N 192 
LYS CD  CE   sing N N 193 
LYS CD  HD2  sing N N 194 
LYS CD  HD3  sing N N 195 
LYS CE  NZ   sing N N 196 
LYS CE  HE2  sing N N 197 
LYS CE  HE3  sing N N 198 
LYS NZ  HZ1  sing N N 199 
LYS NZ  HZ2  sing N N 200 
LYS NZ  HZ3  sing N N 201 
LYS OXT HXT  sing N N 202 
MET N   CA   sing N N 203 
MET N   H    sing N N 204 
MET N   H2   sing N N 205 
MET CA  C    sing N N 206 
MET CA  CB   sing N N 207 
MET CA  HA   sing N N 208 
MET C   O    doub N N 209 
MET C   OXT  sing N N 210 
MET CB  CG   sing N N 211 
MET CB  HB2  sing N N 212 
MET CB  HB3  sing N N 213 
MET CG  SD   sing N N 214 
MET CG  HG2  sing N N 215 
MET CG  HG3  sing N N 216 
MET SD  CE   sing N N 217 
MET CE  HE1  sing N N 218 
MET CE  HE2  sing N N 219 
MET CE  HE3  sing N N 220 
MET OXT HXT  sing N N 221 
MSE N   CA   sing N N 222 
MSE N   H    sing N N 223 
MSE N   H2   sing N N 224 
MSE CA  C    sing N N 225 
MSE CA  CB   sing N N 226 
MSE CA  HA   sing N N 227 
MSE C   O    doub N N 228 
MSE C   OXT  sing N N 229 
MSE OXT HXT  sing N N 230 
MSE CB  CG   sing N N 231 
MSE CB  HB2  sing N N 232 
MSE CB  HB3  sing N N 233 
MSE CG  SE   sing N N 234 
MSE CG  HG2  sing N N 235 
MSE CG  HG3  sing N N 236 
MSE SE  CE   sing N N 237 
MSE CE  HE1  sing N N 238 
MSE CE  HE2  sing N N 239 
MSE CE  HE3  sing N N 240 
PHE N   CA   sing N N 241 
PHE N   H    sing N N 242 
PHE N   H2   sing N N 243 
PHE CA  C    sing N N 244 
PHE CA  CB   sing N N 245 
PHE CA  HA   sing N N 246 
PHE C   O    doub N N 247 
PHE C   OXT  sing N N 248 
PHE CB  CG   sing N N 249 
PHE CB  HB2  sing N N 250 
PHE CB  HB3  sing N N 251 
PHE CG  CD1  doub Y N 252 
PHE CG  CD2  sing Y N 253 
PHE CD1 CE1  sing Y N 254 
PHE CD1 HD1  sing N N 255 
PHE CD2 CE2  doub Y N 256 
PHE CD2 HD2  sing N N 257 
PHE CE1 CZ   doub Y N 258 
PHE CE1 HE1  sing N N 259 
PHE CE2 CZ   sing Y N 260 
PHE CE2 HE2  sing N N 261 
PHE CZ  HZ   sing N N 262 
PHE OXT HXT  sing N N 263 
PRO N   CA   sing N N 264 
PRO N   CD   sing N N 265 
PRO N   H    sing N N 266 
PRO CA  C    sing N N 267 
PRO CA  CB   sing N N 268 
PRO CA  HA   sing N N 269 
PRO C   O    doub N N 270 
PRO C   OXT  sing N N 271 
PRO CB  CG   sing N N 272 
PRO CB  HB2  sing N N 273 
PRO CB  HB3  sing N N 274 
PRO CG  CD   sing N N 275 
PRO CG  HG2  sing N N 276 
PRO CG  HG3  sing N N 277 
PRO CD  HD2  sing N N 278 
PRO CD  HD3  sing N N 279 
PRO OXT HXT  sing N N 280 
SER N   CA   sing N N 281 
SER N   H    sing N N 282 
SER N   H2   sing N N 283 
SER CA  C    sing N N 284 
SER CA  CB   sing N N 285 
SER CA  HA   sing N N 286 
SER C   O    doub N N 287 
SER C   OXT  sing N N 288 
SER CB  OG   sing N N 289 
SER CB  HB2  sing N N 290 
SER CB  HB3  sing N N 291 
SER OG  HG   sing N N 292 
SER OXT HXT  sing N N 293 
VAL N   CA   sing N N 294 
VAL N   H    sing N N 295 
VAL N   H2   sing N N 296 
VAL CA  C    sing N N 297 
VAL CA  CB   sing N N 298 
VAL CA  HA   sing N N 299 
VAL C   O    doub N N 300 
VAL C   OXT  sing N N 301 
VAL CB  CG1  sing N N 302 
VAL CB  CG2  sing N N 303 
VAL CB  HB   sing N N 304 
VAL CG1 HG11 sing N N 305 
VAL CG1 HG12 sing N N 306 
VAL CG1 HG13 sing N N 307 
VAL CG2 HG21 sing N N 308 
VAL CG2 HG22 sing N N 309 
VAL CG2 HG23 sing N N 310 
VAL OXT HXT  sing N N 311 
# 
_atom_sites.entry_id                    1QOJ 
_atom_sites.fract_transf_matrix[1][1]   0.00185531 
_atom_sites.fract_transf_matrix[1][2]   0.01261372 
_atom_sites.fract_transf_matrix[1][3]   -0.00477649 
_atom_sites.fract_transf_matrix[2][1]   -0.00588306 
_atom_sites.fract_transf_matrix[2][2]   0.00379024 
_atom_sites.fract_transf_matrix[2][3]   -0.01167870 
_atom_sites.fract_transf_matrix[3][1]   -0.01513136 
_atom_sites.fract_transf_matrix[3][2]   0.00582827 
_atom_sites.fract_transf_matrix[3][3]   0.00951384 
_atom_sites.fract_transf_vector[1]      0.455377 
_atom_sites.fract_transf_vector[2]      0.679774 
_atom_sites.fract_transf_vector[3]      0.079697 
# 
loop_
_atom_type.symbol 
C  
N  
O  
SE 
# 
loop_
_atom_site.group_PDB 
_atom_site.id 
_atom_site.type_symbol 
_atom_site.label_atom_id 
_atom_site.label_alt_id 
_atom_site.label_comp_id 
_atom_site.label_asym_id 
_atom_site.label_entity_id 
_atom_site.label_seq_id 
_atom_site.pdbx_PDB_ins_code 
_atom_site.Cartn_x 
_atom_site.Cartn_y 
_atom_site.Cartn_z 
_atom_site.occupancy 
_atom_site.B_iso_or_equiv 
_atom_site.pdbx_formal_charge 
_atom_site.auth_seq_id 
_atom_site.auth_comp_id 
_atom_site.auth_asym_id 
_atom_site.auth_atom_id 
_atom_site.pdbx_PDB_model_num 
ATOM   1   N  N   . SER A 1 18 ? 13.932  -4.685  25.103  1.00 60.41 ? 628 SER A N   1 
ATOM   2   C  CA  . SER A 1 18 ? 13.708  -3.450  25.837  1.00 60.32 ? 628 SER A CA  1 
ATOM   3   C  C   . SER A 1 18 ? 12.959  -2.421  24.994  1.00 60.26 ? 628 SER A C   1 
ATOM   4   O  O   . SER A 1 18 ? 12.979  -2.494  23.767  1.00 61.00 ? 628 SER A O   1 
ATOM   5   C  CB  . SER A 1 18 ? 15.027  -2.808  26.283  1.00 60.28 ? 628 SER A CB  1 
ATOM   6   O  OG  . SER A 1 18 ? 14.942  -1.394  26.137  1.00 59.85 ? 628 SER A OG  1 
ATOM   7   N  N   . PRO A 1 19 ? 12.325  -1.470  25.669  1.00 60.03 ? 629 PRO A N   1 
ATOM   8   C  CA  . PRO A 1 19 ? 11.687  -0.338  24.994  1.00 60.19 ? 629 PRO A CA  1 
ATOM   9   C  C   . PRO A 1 19 ? 12.598  0.270   23.938  1.00 60.37 ? 629 PRO A C   1 
ATOM   10  O  O   . PRO A 1 19 ? 12.154  0.662   22.861  1.00 61.26 ? 629 PRO A O   1 
ATOM   11  C  CB  . PRO A 1 19 ? 11.482  0.655   26.142  1.00 60.12 ? 629 PRO A CB  1 
ATOM   12  C  CG  . PRO A 1 19 ? 11.230  -0.236  27.317  1.00 60.03 ? 629 PRO A CG  1 
ATOM   13  C  CD  . PRO A 1 19 ? 12.162  -1.404  27.131  1.00 59.97 ? 629 PRO A CD  1 
ATOM   14  N  N   . LYS A 1 20 ? 13.891  0.329   24.255  1.00 60.26 ? 630 LYS A N   1 
ATOM   15  C  CA  . LYS A 1 20 ? 14.869  0.845   23.306  1.00 60.25 ? 630 LYS A CA  1 
ATOM   16  C  C   . LYS A 1 20 ? 14.878  0.016   22.024  1.00 59.94 ? 630 LYS A C   1 
ATOM   17  O  O   . LYS A 1 20 ? 14.763  0.566   20.928  1.00 61.36 ? 630 LYS A O   1 
ATOM   18  C  CB  . LYS A 1 20 ? 16.266  0.880   23.928  1.00 61.14 ? 630 LYS A CB  1 
ATOM   19  N  N   . ALA A 1 21 ? 15.007  -1.306  22.148  1.00 59.22 ? 631 ALA A N   1 
ATOM   20  C  CA  . ALA A 1 21 ? 15.033  -2.098  20.913  1.00 58.62 ? 631 ALA A CA  1 
ATOM   21  C  C   . ALA A 1 21 ? 13.709  -1.957  20.178  1.00 57.69 ? 631 ALA A C   1 
ATOM   22  O  O   . ALA A 1 21 ? 13.673  -1.720  18.972  1.00 57.61 ? 631 ALA A O   1 
ATOM   23  C  CB  . ALA A 1 21 ? 15.328  -3.559  21.185  1.00 59.47 ? 631 ALA A CB  1 
ATOM   24  N  N   . LEU A 1 22 ? 12.624  -2.120  20.928  1.00 56.75 ? 632 LEU A N   1 
ATOM   25  C  CA  . LEU A 1 22 ? 11.284  -2.003  20.364  1.00 55.98 ? 632 LEU A CA  1 
ATOM   26  C  C   . LEU A 1 22 ? 11.142  -0.702  19.581  1.00 55.60 ? 632 LEU A C   1 
ATOM   27  O  O   . LEU A 1 22 ? 10.805  -0.703  18.400  1.00 55.63 ? 632 LEU A O   1 
ATOM   28  C  CB  . LEU A 1 22 ? 10.235  -2.102  21.470  1.00 55.67 ? 632 LEU A CB  1 
ATOM   29  C  CG  . LEU A 1 22 ? 9.789   -3.544  21.758  1.00 55.49 ? 632 LEU A CG  1 
ATOM   30  C  CD1 . LEU A 1 22 ? 10.714  -4.502  21.027  1.00 55.32 ? 632 LEU A CD1 1 
ATOM   31  C  CD2 . LEU A 1 22 ? 9.770   -3.811  23.246  1.00 55.51 ? 632 LEU A CD2 1 
ATOM   32  N  N   . GLN A 1 23 ? 11.445  0.404   20.254  1.00 55.26 ? 633 GLN A N   1 
ATOM   33  C  CA  . GLN A 1 23 ? 11.474  1.696   19.580  1.00 55.08 ? 633 GLN A CA  1 
ATOM   34  C  C   . GLN A 1 23 ? 12.398  1.624   18.371  1.00 54.26 ? 633 GLN A C   1 
ATOM   35  O  O   . GLN A 1 23 ? 12.145  2.230   17.336  1.00 53.58 ? 633 GLN A O   1 
ATOM   36  C  CB  . GLN A 1 23 ? 11.931  2.803   20.521  1.00 56.03 ? 633 GLN A CB  1 
ATOM   37  C  CG  . GLN A 1 23 ? 10.853  3.819   20.850  1.00 57.17 ? 633 GLN A CG  1 
ATOM   38  C  CD  . GLN A 1 23 ? 10.836  4.158   22.327  1.00 58.35 ? 633 GLN A CD  1 
ATOM   39  O  OE1 . GLN A 1 23 ? 10.356  5.237   22.680  1.00 60.34 ? 633 GLN A OE1 1 
ATOM   40  N  NE2 . GLN A 1 23 ? 11.336  3.283   23.195  1.00 59.13 ? 633 GLN A NE2 1 
ATOM   41  N  N   . GLN A 1 24 ? 13.471  0.854   18.514  1.00 53.96 ? 634 GLN A N   1 
ATOM   42  C  CA  . GLN A 1 24 ? 14.385  0.653   17.400  1.00 53.98 ? 634 GLN A CA  1 
ATOM   43  C  C   . GLN A 1 24 ? 13.694  -0.106  16.275  1.00 53.69 ? 634 GLN A C   1 
ATOM   44  O  O   . GLN A 1 24 ? 13.564  0.417   15.171  1.00 54.88 ? 634 GLN A O   1 
ATOM   45  C  CB  . GLN A 1 24 ? 15.645  -0.092  17.843  1.00 55.39 ? 634 GLN A CB  1 
ATOM   46  N  N   . LYS A 1 25 ? 13.246  -1.327  16.543  1.00 52.94 ? 635 LYS A N   1 
ATOM   47  C  CA  . LYS A 1 25 ? 12.564  -2.119  15.539  1.00 52.20 ? 635 LYS A CA  1 
ATOM   48  C  C   . LYS A 1 25 ? 11.405  -1.339  14.910  1.00 51.84 ? 635 LYS A C   1 
ATOM   49  O  O   . LYS A 1 25 ? 11.252  -1.360  13.695  1.00 51.95 ? 635 LYS A O   1 
ATOM   50  C  CB  . LYS A 1 25 ? 12.029  -3.435  16.121  1.00 52.04 ? 635 LYS A CB  1 
ATOM   51  C  CG  . LYS A 1 25 ? 12.199  -4.605  15.146  1.00 52.38 ? 635 LYS A CG  1 
ATOM   52  C  CD  . LYS A 1 25 ? 13.537  -4.478  14.429  1.00 52.96 ? 635 LYS A CD  1 
ATOM   53  C  CE  . LYS A 1 25 ? 13.721  -5.515  13.336  1.00 53.17 ? 635 LYS A CE  1 
ATOM   54  N  NZ  . LYS A 1 25 ? 13.764  -6.904  13.873  1.00 53.62 ? 635 LYS A NZ  1 
ATOM   55  N  N   . ILE A 1 26 ? 10.638  -0.665  15.754  1.00 51.52 ? 636 ILE A N   1 
ATOM   56  C  CA  . ILE A 1 26 ? 9.442   0.023   15.285  1.00 51.36 ? 636 ILE A CA  1 
ATOM   57  C  C   . ILE A 1 26 ? 9.780   0.970   14.159  1.00 51.66 ? 636 ILE A C   1 
ATOM   58  O  O   . ILE A 1 26 ? 9.154   1.031   13.100  1.00 51.14 ? 636 ILE A O   1 
ATOM   59  C  CB  . ILE A 1 26 ? 8.759   0.824   16.403  1.00 51.21 ? 636 ILE A CB  1 
ATOM   60  C  CG1 . ILE A 1 26 ? 7.769   0.015   17.245  1.00 50.84 ? 636 ILE A CG1 1 
ATOM   61  C  CG2 . ILE A 1 26 ? 8.098   2.058   15.811  1.00 51.36 ? 636 ILE A CG2 1 
ATOM   62  N  N   . HIS A 1 27 ? 10.810  1.803   14.354  1.00 52.64 ? 637 HIS A N   1 
ATOM   63  C  CA  . HIS A 1 27 ? 11.103  2.716   13.257  1.00 54.12 ? 637 HIS A CA  1 
ATOM   64  C  C   . HIS A 1 27 ? 11.743  1.977   12.084  1.00 53.18 ? 637 HIS A C   1 
ATOM   65  O  O   . HIS A 1 27 ? 11.542  2.392   10.948  1.00 53.82 ? 637 HIS A O   1 
ATOM   66  C  CB  . HIS A 1 27 ? 11.977  3.860   13.786  1.00 56.53 ? 637 HIS A CB  1 
ATOM   67  C  CG  . HIS A 1 27 ? 11.144  5.061   14.167  1.00 58.69 ? 637 HIS A CG  1 
ATOM   68  N  ND1 . HIS A 1 27 ? 9.834   5.019   14.577  1.00 59.51 ? 637 HIS A ND1 1 
ATOM   69  C  CD2 . HIS A 1 27 ? 11.484  6.379   14.119  1.00 59.30 ? 637 HIS A CD2 1 
ATOM   70  C  CE1 . HIS A 1 27 ? 9.404   6.250   14.798  1.00 59.71 ? 637 HIS A CE1 1 
ATOM   71  N  NE2 . HIS A 1 27 ? 10.386  7.098   14.535  1.00 59.62 ? 637 HIS A NE2 1 
ATOM   72  N  N   . GLU A 1 28 ? 12.483  0.919   12.369  1.00 52.07 ? 638 GLU A N   1 
ATOM   73  C  CA  . GLU A 1 28 ? 13.124  0.184   11.268  1.00 50.93 ? 638 GLU A CA  1 
ATOM   74  C  C   . GLU A 1 28 ? 12.076  -0.272  10.242  1.00 48.89 ? 638 GLU A C   1 
ATOM   75  O  O   . GLU A 1 28 ? 12.182  0.059   9.066   1.00 48.26 ? 638 GLU A O   1 
ATOM   76  C  CB  . GLU A 1 28 ? 13.919  -1.019  11.776  1.00 52.78 ? 638 GLU A CB  1 
ATOM   77  N  N   . LEU A 1 29 ? 11.073  -0.999  10.717  1.00 47.07 ? 639 LEU A N   1 
ATOM   78  C  CA  . LEU A 1 29 ? 10.041  -1.483  9.790   1.00 45.18 ? 639 LEU A CA  1 
ATOM   79  C  C   . LEU A 1 29 ? 9.300   -0.317  9.169   1.00 43.87 ? 639 LEU A C   1 
ATOM   80  O  O   . LEU A 1 29 ? 8.951   -0.329  7.981   1.00 42.69 ? 639 LEU A O   1 
ATOM   81  C  CB  . LEU A 1 29 ? 9.058   -2.412  10.501  1.00 44.59 ? 639 LEU A CB  1 
ATOM   82  C  CG  . LEU A 1 29 ? 9.653   -3.707  11.033  1.00 44.10 ? 639 LEU A CG  1 
ATOM   83  C  CD1 . LEU A 1 29 ? 8.707   -4.881  10.844  1.00 43.78 ? 639 LEU A CD1 1 
ATOM   84  C  CD2 . LEU A 1 29 ? 10.984  -3.973  10.345  1.00 44.19 ? 639 LEU A CD2 1 
ATOM   85  N  N   . GLU A 1 30 ? 9.035   0.697   9.988   1.00 43.13 ? 640 GLU A N   1 
ATOM   86  C  CA  . GLU A 1 30 ? 8.258   1.842   9.535   1.00 42.92 ? 640 GLU A CA  1 
ATOM   87  C  C   . GLU A 1 30 ? 8.871   2.508   8.316   1.00 43.19 ? 640 GLU A C   1 
ATOM   88  O  O   . GLU A 1 30 ? 8.220   3.176   7.514   1.00 43.20 ? 640 GLU A O   1 
ATOM   89  C  CB  . GLU A 1 30 ? 8.140   2.846   10.681  1.00 42.84 ? 640 GLU A CB  1 
ATOM   90  C  CG  . GLU A 1 30 ? 6.831   2.740   11.442  1.00 43.03 ? 640 GLU A CG  1 
ATOM   91  C  CD  . GLU A 1 30 ? 6.886   3.542   12.727  1.00 43.51 ? 640 GLU A CD  1 
ATOM   92  O  OE1 . GLU A 1 30 ? 7.840   4.335   12.888  1.00 43.79 ? 640 GLU A OE1 1 
ATOM   93  O  OE2 . GLU A 1 30 ? 5.977   3.373   13.563  1.00 44.67 ? 640 GLU A OE2 1 
ATOM   94  N  N   . GLY A 1 31 ? 10.179  2.359   8.140   1.00 43.40 ? 641 GLY A N   1 
ATOM   95  C  CA  . GLY A 1 31 ? 10.848  2.908   6.976   1.00 43.28 ? 641 GLY A CA  1 
ATOM   96  C  C   . GLY A 1 31 ? 10.787  1.920   5.824   1.00 43.12 ? 641 GLY A C   1 
ATOM   97  O  O   . GLY A 1 31 ? 10.630  2.357   4.689   1.00 44.73 ? 641 GLY A O   1 
ATOM   98  N  N   . LEU A 1 32 ? 10.912  0.638   6.153   1.00 42.53 ? 642 LEU A N   1 
ATOM   99  C  CA  . LEU A 1 32 ? 10.705  -0.372  5.122   1.00 41.95 ? 642 LEU A CA  1 
ATOM   100 C  C   . LEU A 1 32 ? 9.264   -0.253  4.625   1.00 41.31 ? 642 LEU A C   1 
ATOM   101 O  O   . LEU A 1 32 ? 9.029   -0.215  3.414   1.00 41.83 ? 642 LEU A O   1 
ATOM   102 C  CB  . LEU A 1 32 ? 11.000  -1.773  5.642   1.00 42.08 ? 642 LEU A CB  1 
HETATM 103 N  N   . MSE A 1 33 ? 8.327   -0.209  5.564   1.00 40.43 ? 643 MSE A N   1 
HETATM 104 C  CA  . MSE A 1 33 ? 6.921   -0.163  5.191   1.00 39.50 ? 643 MSE A CA  1 
HETATM 105 C  C   . MSE A 1 33 ? 6.668   1.018   4.265   1.00 40.19 ? 643 MSE A C   1 
HETATM 106 O  O   . MSE A 1 33 ? 6.064   0.893   3.204   1.00 39.71 ? 643 MSE A O   1 
HETATM 107 C  CB  . MSE A 1 33 ? 5.977   -0.052  6.392   1.00 38.18 ? 643 MSE A CB  1 
HETATM 108 C  CG  . MSE A 1 33 ? 4.540   0.105   5.899   1.00 37.55 ? 643 MSE A CG  1 
HETATM 109 SE SE  . MSE A 1 33 ? 3.288   -0.061  7.216   1.00 36.34 ? 643 MSE A SE  1 
HETATM 110 C  CE  . MSE A 1 33 ? 3.722   1.356   8.231   1.00 34.82 ? 643 MSE A CE  1 
HETATM 111 N  N   . MSE A 1 34 ? 7.181   2.154   4.679   1.00 41.23 ? 644 MSE A N   1 
HETATM 112 C  CA  . MSE A 1 34 ? 7.058   3.385   3.912   1.00 42.51 ? 644 MSE A CA  1 
HETATM 113 C  C   . MSE A 1 34 ? 7.654   3.220   2.494   1.00 43.38 ? 644 MSE A C   1 
HETATM 114 O  O   . MSE A 1 34 ? 7.092   3.703   1.515   1.00 44.18 ? 644 MSE A O   1 
HETATM 115 C  CB  . MSE A 1 34 ? 7.768   4.532   4.602   1.00 43.12 ? 644 MSE A CB  1 
HETATM 116 C  CG  . MSE A 1 34 ? 6.884   5.747   4.911   1.00 43.47 ? 644 MSE A CG  1 
HETATM 117 SE SE  . MSE A 1 34 ? 6.704   5.643   6.740   1.00 44.52 ? 644 MSE A SE  1 
HETATM 118 C  CE  . MSE A 1 34 ? 8.036   6.795   7.183   1.00 45.34 ? 644 MSE A CE  1 
ATOM   119 N  N   . GLN A 1 35 ? 8.793   2.541   2.457   1.00 44.00 ? 645 GLN A N   1 
ATOM   120 C  CA  . GLN A 1 35 ? 9.562   2.365   1.240   1.00 44.53 ? 645 GLN A CA  1 
ATOM   121 C  C   . GLN A 1 35 ? 8.807   1.499   0.248   1.00 44.67 ? 645 GLN A C   1 
ATOM   122 O  O   . GLN A 1 35 ? 8.625   1.894   -0.912  1.00 44.43 ? 645 GLN A O   1 
ATOM   123 C  CB  . GLN A 1 35 ? 10.935  1.766   1.589   1.00 45.10 ? 645 GLN A CB  1 
ATOM   124 C  CG  . GLN A 1 35 ? 11.724  1.412   0.341   1.00 46.71 ? 645 GLN A CG  1 
ATOM   125 N  N   . HIS A 1 36 ? 8.386   0.303   0.675   1.00 45.11 ? 646 HIS A N   1 
ATOM   126 C  CA  . HIS A 1 36 ? 7.688   -0.601  -0.225  1.00 45.47 ? 646 HIS A CA  1 
ATOM   127 C  C   . HIS A 1 36 ? 6.483   0.106   -0.861  1.00 45.53 ? 646 HIS A C   1 
ATOM   128 O  O   . HIS A 1 36 ? 6.402   0.197   -2.086  1.00 46.30 ? 646 HIS A O   1 
ATOM   129 C  CB  . HIS A 1 36 ? 7.183   -1.849  0.464   1.00 45.89 ? 646 HIS A CB  1 
ATOM   130 C  CG  . HIS A 1 36 ? 8.183   -2.869  0.876   1.00 46.44 ? 646 HIS A CG  1 
ATOM   131 N  ND1 . HIS A 1 36 ? 9.324   -3.201  0.188   1.00 47.00 ? 646 HIS A ND1 1 
ATOM   132 C  CD2 . HIS A 1 36 ? 8.158   -3.666  1.961   1.00 46.64 ? 646 HIS A CD2 1 
ATOM   133 C  CE1 . HIS A 1 36 ? 9.959   -4.148  0.844   1.00 47.25 ? 646 HIS A CE1 1 
ATOM   134 N  NE2 . HIS A 1 36 ? 9.281   -4.467  1.937   1.00 47.07 ? 646 HIS A NE2 1 
ATOM   135 N  N   . ALA A 1 37 ? 5.597   0.555   0.020   1.00 45.40 ? 647 ALA A N   1 
ATOM   136 C  CA  . ALA A 1 37 ? 4.368   1.238   -0.372  1.00 45.46 ? 647 ALA A CA  1 
ATOM   137 C  C   . ALA A 1 37 ? 4.668   2.298   -1.422  1.00 46.26 ? 647 ALA A C   1 
ATOM   138 O  O   . ALA A 1 37 ? 3.977   2.445   -2.420  1.00 46.23 ? 647 ALA A O   1 
ATOM   139 C  CB  . ALA A 1 37 ? 3.704   1.854   0.835   1.00 44.93 ? 647 ALA A CB  1 
ATOM   140 N  N   . GLN A 1 38 ? 5.754   3.027   -1.172  1.00 47.15 ? 648 GLN A N   1 
ATOM   141 C  CA  . GLN A 1 38 ? 6.234   4.015   -2.124  1.00 47.91 ? 648 GLN A CA  1 
ATOM   142 C  C   . GLN A 1 38 ? 6.470   3.368   -3.480  1.00 47.79 ? 648 GLN A C   1 
ATOM   143 O  O   . GLN A 1 38 ? 6.127   3.953   -4.510  1.00 49.40 ? 648 GLN A O   1 
ATOM   144 C  CB  . GLN A 1 38 ? 7.518   4.680   -1.630  1.00 48.96 ? 648 GLN A CB  1 
ATOM   145 C  CG  . GLN A 1 38 ? 7.916   5.924   -2.406  1.00 50.94 ? 648 GLN A CG  1 
ATOM   146 N  N   . ASN A 1 39 ? 7.026   2.155   -3.508  1.00 47.47 ? 649 ASN A N   1 
ATOM   147 C  CA  . ASN A 1 39 ? 7.170   1.492   -4.806  1.00 47.46 ? 649 ASN A CA  1 
ATOM   148 C  C   . ASN A 1 39 ? 5.954   0.641   -5.140  1.00 46.22 ? 649 ASN A C   1 
ATOM   149 O  O   . ASN A 1 39 ? 6.046   -0.262  -5.965  1.00 45.93 ? 649 ASN A O   1 
ATOM   150 C  CB  . ASN A 1 39 ? 8.424   0.624   -4.871  1.00 48.69 ? 649 ASN A CB  1 
ATOM   151 C  CG  . ASN A 1 39 ? 9.585   1.209   -4.094  1.00 49.99 ? 649 ASN A CG  1 
ATOM   152 O  OD1 . ASN A 1 39 ? 10.030  2.320   -4.390  1.00 51.57 ? 649 ASN A OD1 1 
ATOM   153 N  ND2 . ASN A 1 39 ? 10.058  0.442   -3.115  1.00 51.67 ? 649 ASN A ND2 1 
ATOM   154 N  N   . LEU A 1 40 ? 4.816   0.892   -4.498  1.00 45.22 ? 650 LEU A N   1 
ATOM   155 C  CA  . LEU A 1 40 ? 3.583   0.167   -4.787  1.00 44.37 ? 650 LEU A CA  1 
ATOM   156 C  C   . LEU A 1 40 ? 3.636   -1.307  -4.394  1.00 43.81 ? 650 LEU A C   1 
ATOM   157 O  O   . LEU A 1 40 ? 2.713   -2.071  -4.660  1.00 42.22 ? 650 LEU A O   1 
ATOM   158 C  CB  . LEU A 1 40 ? 3.234   0.286   -6.272  1.00 43.90 ? 650 LEU A CB  1 
ATOM   159 C  CG  . LEU A 1 40 ? 2.799   1.696   -6.703  1.00 43.60 ? 650 LEU A CG  1 
ATOM   160 C  CD1 . LEU A 1 40 ? 1.758   1.572   -7.789  1.00 44.44 ? 650 LEU A CD1 1 
ATOM   161 C  CD2 . LEU A 1 40 ? 2.281   2.480   -5.509  1.00 42.86 ? 650 LEU A CD2 1 
ATOM   162 N  N   . GLU A 1 41 ? 4.722   -1.701  -3.758  1.00 43.81 ? 651 GLU A N   1 
ATOM   163 C  CA  . GLU A 1 41 ? 4.912   -3.042  -3.262  1.00 44.14 ? 651 GLU A CA  1 
ATOM   164 C  C   . GLU A 1 41 ? 4.019   -3.268  -2.064  1.00 43.67 ? 651 GLU A C   1 
ATOM   165 O  O   . GLU A 1 41 ? 4.541   -3.438  -0.951  1.00 42.92 ? 651 GLU A O   1 
ATOM   166 C  CB  . GLU A 1 41 ? 6.353   -3.282  -2.816  1.00 45.34 ? 651 GLU A CB  1 
ATOM   167 C  CG  . GLU A 1 41 ? 7.360   -3.608  -3.896  1.00 46.57 ? 651 GLU A CG  1 
ATOM   168 C  CD  . GLU A 1 41 ? 8.744   -3.112  -3.526  1.00 47.84 ? 651 GLU A CD  1 
ATOM   169 O  OE1 . GLU A 1 41 ? 9.228   -3.479  -2.433  1.00 49.55 ? 651 GLU A OE1 1 
ATOM   170 O  OE2 . GLU A 1 41 ? 9.358   -2.359  -4.312  1.00 49.75 ? 651 GLU A OE2 1 
ATOM   171 N  N   . PHE A 1 42 ? 2.699   -3.336  -2.168  1.00 44.02 ? 652 PHE A N   1 
ATOM   172 C  CA  . PHE A 1 42 ? 1.952   -3.631  -0.923  1.00 44.88 ? 652 PHE A CA  1 
ATOM   173 C  C   . PHE A 1 42 ? 2.210   -5.046  -0.481  1.00 46.71 ? 652 PHE A C   1 
ATOM   174 O  O   . PHE A 1 42 ? 3.333   -5.535  -0.646  1.00 49.19 ? 652 PHE A O   1 
ATOM   175 C  CB  . PHE A 1 42 ? 0.483   -3.300  -1.163  1.00 44.46 ? 652 PHE A CB  1 
ATOM   176 C  CG  . PHE A 1 42 ? 0.403   -2.005  -1.983  1.00 44.25 ? 652 PHE A CG  1 
ATOM   177 C  CD1 . PHE A 1 42 ? 1.009   -0.855  -1.514  1.00 44.02 ? 652 PHE A CD1 1 
ATOM   178 C  CD2 . PHE A 1 42 ? -0.258  -1.963  -3.190  1.00 44.33 ? 652 PHE A CD2 1 
ATOM   179 C  CE1 . PHE A 1 42 ? 0.967   0.320   -2.232  1.00 43.90 ? 652 PHE A CE1 1 
ATOM   180 C  CE2 . PHE A 1 42 ? -0.310  -0.784  -3.917  1.00 44.24 ? 652 PHE A CE2 1 
ATOM   181 C  CZ  . PHE A 1 42 ? 0.309   0.361   -3.448  1.00 43.97 ? 652 PHE A CZ  1 
ATOM   182 N  N   . GLU A 1 43 ? 1.282   -5.822  0.079   1.00 47.83 ? 653 GLU A N   1 
ATOM   183 C  CA  . GLU A 1 43 ? 1.659   -7.171  0.512   1.00 48.69 ? 653 GLU A CA  1 
ATOM   184 C  C   . GLU A 1 43 ? 2.736   -7.090  1.602   1.00 48.97 ? 653 GLU A C   1 
ATOM   185 O  O   . GLU A 1 43 ? 2.344   -7.083  2.765   1.00 51.70 ? 653 GLU A O   1 
ATOM   186 C  CB  . GLU A 1 43 ? 2.128   -8.058  -0.638  1.00 48.75 ? 653 GLU A CB  1 
ATOM   187 C  CG  . GLU A 1 43 ? 1.023   -8.364  -1.646  1.00 48.85 ? 653 GLU A CG  1 
ATOM   188 C  CD  . GLU A 1 43 ? 1.208   -7.668  -2.972  1.00 49.10 ? 653 GLU A CD  1 
ATOM   189 O  OE1 . GLU A 1 43 ? 2.212   -6.952  -3.153  1.00 50.03 ? 653 GLU A OE1 1 
ATOM   190 O  OE2 . GLU A 1 43 ? 0.331   -7.848  -3.842  1.00 49.31 ? 653 GLU A OE2 1 
ATOM   191 N  N   . GLU A 1 44 ? 3.992   -7.034  1.215   1.00 48.46 ? 654 GLU A N   1 
ATOM   192 C  CA  . GLU A 1 44 ? 5.078   -6.725  2.136   1.00 48.52 ? 654 GLU A CA  1 
ATOM   193 C  C   . GLU A 1 44 ? 4.657   -5.541  3.021   1.00 47.33 ? 654 GLU A C   1 
ATOM   194 O  O   . GLU A 1 44 ? 4.657   -5.676  4.240   1.00 47.31 ? 654 GLU A O   1 
ATOM   195 C  CB  . GLU A 1 44 ? 6.375   -6.391  1.435   1.00 50.12 ? 654 GLU A CB  1 
ATOM   196 C  CG  . GLU A 1 44 ? 6.212   -5.829  0.033   1.00 51.80 ? 654 GLU A CG  1 
ATOM   197 C  CD  . GLU A 1 44 ? 6.577   -6.882  -0.996  1.00 53.36 ? 654 GLU A CD  1 
ATOM   198 O  OE1 . GLU A 1 44 ? 5.976   -7.977  -0.960  1.00 55.81 ? 654 GLU A OE1 1 
ATOM   199 O  OE2 . GLU A 1 44 ? 7.464   -6.627  -1.846  1.00 55.32 ? 654 GLU A OE2 1 
ATOM   200 N  N   . ALA A 1 45 ? 4.270   -4.463  2.346   1.00 46.19 ? 655 ALA A N   1 
ATOM   201 C  CA  . ALA A 1 45 ? 3.692   -3.298  2.993   1.00 45.31 ? 655 ALA A CA  1 
ATOM   202 C  C   . ALA A 1 45 ? 2.673   -3.734  4.041   1.00 44.56 ? 655 ALA A C   1 
ATOM   203 O  O   . ALA A 1 45 ? 2.675   -3.283  5.180   1.00 43.16 ? 655 ALA A O   1 
ATOM   204 C  CB  . ALA A 1 45 ? 3.030   -2.385  1.972   1.00 45.22 ? 655 ALA A CB  1 
ATOM   205 N  N   . ALA A 1 46 ? 1.835   -4.675  3.620   1.00 44.41 ? 656 ALA A N   1 
ATOM   206 C  CA  . ALA A 1 46 ? 0.866   -5.291  4.513   1.00 44.34 ? 656 ALA A CA  1 
ATOM   207 C  C   . ALA A 1 46 ? 1.544   -6.122  5.598   1.00 44.63 ? 656 ALA A C   1 
ATOM   208 O  O   . ALA A 1 46 ? 1.205   -5.954  6.773   1.00 45.48 ? 656 ALA A O   1 
ATOM   209 C  CB  . ALA A 1 46 ? -0.114  -6.137  3.713   1.00 43.63 ? 656 ALA A CB  1 
ATOM   210 N  N   . GLN A 1 47 ? 2.482   -7.004  5.256   1.00 44.91 ? 657 GLN A N   1 
ATOM   211 C  CA  . GLN A 1 47 ? 3.054   -7.850  6.311   1.00 45.37 ? 657 GLN A CA  1 
ATOM   212 C  C   . GLN A 1 47 ? 3.812   -6.981  7.314   1.00 43.14 ? 657 GLN A C   1 
ATOM   213 O  O   . GLN A 1 47 ? 3.637   -7.134  8.520   1.00 43.73 ? 657 GLN A O   1 
ATOM   214 C  CB  . GLN A 1 47 ? 3.980   -8.948  5.802   1.00 47.93 ? 657 GLN A CB  1 
ATOM   215 C  CG  . GLN A 1 47 ? 4.170   -9.032  4.306   1.00 50.38 ? 657 GLN A CG  1 
ATOM   216 C  CD  . GLN A 1 47 ? 5.521   -9.550  3.850   1.00 52.51 ? 657 GLN A CD  1 
ATOM   217 O  OE1 . GLN A 1 47 ? 6.596   -9.127  4.288   1.00 55.75 ? 657 GLN A OE1 1 
ATOM   218 N  NE2 . GLN A 1 47 ? 5.465   -10.504 2.918   1.00 54.36 ? 657 GLN A NE2 1 
ATOM   219 N  N   . ILE A 1 48 ? 4.663   -6.102  6.789   1.00 40.75 ? 658 ILE A N   1 
ATOM   220 C  CA  . ILE A 1 48 ? 5.424   -5.247  7.700   1.00 38.53 ? 658 ILE A CA  1 
ATOM   221 C  C   . ILE A 1 48 ? 4.458   -4.450  8.562   1.00 37.35 ? 658 ILE A C   1 
ATOM   222 O  O   . ILE A 1 48 ? 4.702   -4.203  9.742   1.00 36.54 ? 658 ILE A O   1 
ATOM   223 C  CB  . ILE A 1 48 ? 6.367   -4.310  6.938   1.00 37.95 ? 658 ILE A CB  1 
ATOM   224 C  CG1 . ILE A 1 48 ? 7.443   -5.051  6.134   1.00 37.62 ? 658 ILE A CG1 1 
ATOM   225 C  CG2 . ILE A 1 48 ? 7.005   -3.300  7.876   1.00 37.89 ? 658 ILE A CG2 1 
ATOM   226 C  CD1 . ILE A 1 48 ? 8.712   -4.245  5.963   1.00 39.21 ? 658 ILE A CD1 1 
ATOM   227 N  N   . ARG A 1 49 ? 3.343   -4.057  7.971   1.00 36.82 ? 659 ARG A N   1 
ATOM   228 C  CA  . ARG A 1 49 ? 2.351   -3.260  8.679   1.00 36.62 ? 659 ARG A CA  1 
ATOM   229 C  C   . ARG A 1 49 ? 1.807   -3.964  9.918   1.00 37.72 ? 659 ARG A C   1 
ATOM   230 O  O   . ARG A 1 49 ? 1.612   -3.343  10.962  1.00 36.61 ? 659 ARG A O   1 
ATOM   231 C  CB  . ARG A 1 49 ? 1.183   -2.887  7.764   1.00 35.31 ? 659 ARG A CB  1 
ATOM   232 C  CG  . ARG A 1 49 ? 0.193   -1.966  8.467   1.00 34.09 ? 659 ARG A CG  1 
ATOM   233 C  CD  . ARG A 1 49 ? -1.210  -2.188  7.964   1.00 32.97 ? 659 ARG A CD  1 
ATOM   234 N  NE  . ARG A 1 49 ? -1.491  -3.623  7.892   1.00 32.31 ? 659 ARG A NE  1 
ATOM   235 C  CZ  . ARG A 1 49 ? -2.341  -4.122  7.008   1.00 32.13 ? 659 ARG A CZ  1 
ATOM   236 N  NH1 . ARG A 1 49 ? -2.981  -3.344  6.142   1.00 31.54 ? 659 ARG A NH1 1 
ATOM   237 N  NH2 . ARG A 1 49 ? -2.575  -5.430  6.973   1.00 32.01 ? 659 ARG A NH2 1 
ATOM   238 N  N   . ASP A 1 50 ? 1.578   -5.274  9.836   1.00 39.24 ? 660 ASP A N   1 
ATOM   239 C  CA  . ASP A 1 50 ? 1.049   -5.942  11.031  1.00 40.99 ? 660 ASP A CA  1 
ATOM   240 C  C   . ASP A 1 50 ? 2.177   -6.315  11.988  1.00 41.85 ? 660 ASP A C   1 
ATOM   241 O  O   . ASP A 1 50 ? 1.957   -6.450  13.196  1.00 42.01 ? 660 ASP A O   1 
ATOM   242 C  CB  . ASP A 1 50 ? 0.217   -7.168  10.674  1.00 42.04 ? 660 ASP A CB  1 
ATOM   243 C  CG  . ASP A 1 50 ? -0.676  -6.974  9.464   1.00 43.18 ? 660 ASP A CG  1 
ATOM   244 O  OD1 . ASP A 1 50 ? -0.094  -7.001  8.355   1.00 44.40 ? 660 ASP A OD1 1 
ATOM   245 O  OD2 . ASP A 1 50 ? -1.908  -6.799  9.596   1.00 44.94 ? 660 ASP A OD2 1 
ATOM   246 N  N   . GLN A 1 51 ? 3.385   -6.477  11.453  1.00 42.46 ? 661 GLN A N   1 
ATOM   247 C  CA  . GLN A 1 51 ? 4.541   -6.695  12.318  1.00 42.81 ? 661 GLN A CA  1 
ATOM   248 C  C   . GLN A 1 51 ? 4.599   -5.539  13.308  1.00 42.38 ? 661 GLN A C   1 
ATOM   249 O  O   . GLN A 1 51 ? 4.628   -5.718  14.519  1.00 43.73 ? 661 GLN A O   1 
ATOM   250 C  CB  . GLN A 1 51 ? 5.840   -6.764  11.531  1.00 43.88 ? 661 GLN A CB  1 
ATOM   251 C  CG  . GLN A 1 51 ? 6.214   -8.124  10.967  1.00 45.22 ? 661 GLN A CG  1 
ATOM   252 C  CD  . GLN A 1 51 ? 7.709   -8.298  10.731  1.00 47.00 ? 661 GLN A CD  1 
ATOM   253 O  OE1 . GLN A 1 51 ? 8.500   -8.213  11.680  1.00 51.23 ? 661 GLN A OE1 1 
ATOM   254 N  NE2 . GLN A 1 51 ? 8.087   -8.540  9.477   1.00 49.08 ? 661 GLN A NE2 1 
ATOM   255 N  N   . LEU A 1 52 ? 4.574   -4.335  12.730  1.00 41.82 ? 662 LEU A N   1 
ATOM   256 C  CA  . LEU A 1 52 ? 4.476   -3.111  13.507  1.00 41.27 ? 662 LEU A CA  1 
ATOM   257 C  C   . LEU A 1 52 ? 3.294   -3.168  14.477  1.00 41.27 ? 662 LEU A C   1 
ATOM   258 O  O   . LEU A 1 52 ? 3.352   -2.654  15.585  1.00 40.73 ? 662 LEU A O   1 
ATOM   259 C  CB  . LEU A 1 52 ? 4.346   -1.912  12.574  1.00 40.82 ? 662 LEU A CB  1 
ATOM   260 C  CG  . LEU A 1 52 ? 5.645   -1.129  12.356  1.00 40.75 ? 662 LEU A CG  1 
ATOM   261 C  CD1 . LEU A 1 52 ? 5.881   -0.880  10.884  1.00 40.36 ? 662 LEU A CD1 1 
ATOM   262 C  CD2 . LEU A 1 52 ? 5.601   0.188   13.122  1.00 41.99 ? 662 LEU A CD2 1 
ATOM   263 N  N   . HIS A 1 53 ? 2.235   -3.841  14.029  1.00 41.63 ? 663 HIS A N   1 
ATOM   264 C  CA  . HIS A 1 53 ? 1.103   -4.031  14.936  1.00 42.52 ? 663 HIS A CA  1 
ATOM   265 C  C   . HIS A 1 53 ? 1.543   -4.741  16.207  1.00 42.77 ? 663 HIS A C   1 
ATOM   266 O  O   . HIS A 1 53 ? 1.224   -4.268  17.301  1.00 44.48 ? 663 HIS A O   1 
ATOM   267 C  CB  . HIS A 1 53 ? -0.030  -4.784  14.249  1.00 43.70 ? 663 HIS A CB  1 
ATOM   268 C  CG  . HIS A 1 53 ? -0.850  -3.943  13.321  1.00 44.79 ? 663 HIS A CG  1 
ATOM   269 N  ND1 . HIS A 1 53 ? -0.979  -2.578  13.424  1.00 45.22 ? 663 HIS A ND1 1 
ATOM   270 C  CD2 . HIS A 1 53 ? -1.603  -4.302  12.255  1.00 45.29 ? 663 HIS A CD2 1 
ATOM   271 C  CE1 . HIS A 1 53 ? -1.766  -2.128  12.469  1.00 45.36 ? 663 HIS A CE1 1 
ATOM   272 N  NE2 . HIS A 1 53 ? -2.164  -3.155  11.736  1.00 45.47 ? 663 HIS A NE2 1 
ATOM   273 N  N   . GLN A 1 54 ? 2.270   -5.858  16.139  1.00 43.03 ? 664 GLN A N   1 
ATOM   274 C  CA  . GLN A 1 54 ? 2.551   -6.476  17.440  1.00 43.62 ? 664 GLN A CA  1 
ATOM   275 C  C   . GLN A 1 54 ? 3.472   -5.609  18.291  1.00 42.08 ? 664 GLN A C   1 
ATOM   276 O  O   . GLN A 1 54 ? 3.167   -5.309  19.446  1.00 41.15 ? 664 GLN A O   1 
ATOM   277 C  CB  . GLN A 1 54 ? 3.144   -7.874  17.276  1.00 46.04 ? 664 GLN A CB  1 
ATOM   278 C  CG  . GLN A 1 54 ? 2.443   -8.924  18.130  1.00 48.28 ? 664 GLN A CG  1 
ATOM   279 C  CD  . GLN A 1 54 ? 2.386   -8.632  19.618  1.00 49.59 ? 664 GLN A CD  1 
ATOM   280 O  OE1 . GLN A 1 54 ? 2.407   -7.487  20.061  1.00 51.18 ? 664 GLN A OE1 1 
ATOM   281 N  NE2 . GLN A 1 54 ? 2.306   -9.690  20.431  1.00 50.79 ? 664 GLN A NE2 1 
ATOM   282 N  N   . LEU A 1 55 ? 4.592   -5.217  17.712  1.00 41.07 ? 665 LEU A N   1 
ATOM   283 C  CA  . LEU A 1 55 ? 5.622   -4.469  18.416  1.00 40.65 ? 665 LEU A CA  1 
ATOM   284 C  C   . LEU A 1 55 ? 5.076   -3.280  19.205  1.00 40.30 ? 665 LEU A C   1 
ATOM   285 O  O   . LEU A 1 55 ? 5.492   -3.076  20.351  1.00 40.01 ? 665 LEU A O   1 
ATOM   286 C  CB  . LEU A 1 55 ? 6.685   -4.009  17.411  1.00 40.59 ? 665 LEU A CB  1 
ATOM   287 C  CG  . LEU A 1 55 ? 7.658   -5.082  16.921  1.00 40.45 ? 665 LEU A CG  1 
ATOM   288 C  CD1 . LEU A 1 55 ? 6.934   -6.105  16.064  1.00 41.67 ? 665 LEU A CD1 1 
ATOM   289 C  CD2 . LEU A 1 55 ? 8.814   -4.469  16.146  1.00 40.33 ? 665 LEU A CD2 1 
ATOM   290 N  N   . ARG A 1 56 ? 4.170   -2.504  18.624  1.00 39.86 ? 666 ARG A N   1 
ATOM   291 C  CA  . ARG A 1 56 ? 3.543   -1.386  19.316  1.00 39.13 ? 666 ARG A CA  1 
ATOM   292 C  C   . ARG A 1 56 ? 2.988   -1.888  20.650  1.00 39.28 ? 666 ARG A C   1 
ATOM   293 O  O   . ARG A 1 56 ? 3.272   -1.312  21.691  1.00 39.50 ? 666 ARG A O   1 
ATOM   294 C  CB  . ARG A 1 56 ? 2.419   -0.779  18.494  1.00 38.64 ? 666 ARG A CB  1 
ATOM   295 C  CG  . ARG A 1 56 ? 2.608   0.672   18.095  1.00 38.53 ? 666 ARG A CG  1 
ATOM   296 C  CD  . ARG A 1 56 ? 3.824   0.816   17.212  1.00 38.85 ? 666 ARG A CD  1 
ATOM   297 N  NE  . ARG A 1 56 ? 3.630   1.527   15.971  1.00 39.16 ? 666 ARG A NE  1 
ATOM   298 C  CZ  . ARG A 1 56 ? 2.656   1.498   15.087  1.00 39.12 ? 666 ARG A CZ  1 
ATOM   299 N  NH1 . ARG A 1 56 ? 1.594   0.721   15.249  1.00 39.74 ? 666 ARG A NH1 1 
ATOM   300 N  NH2 . ARG A 1 56 ? 2.749   2.274   14.011  1.00 38.23 ? 666 ARG A NH2 1 
ATOM   301 N  N   . GLU A 1 57 ? 2.245   -2.976  20.532  1.00 39.63 ? 667 GLU A N   1 
ATOM   302 C  CA  . GLU A 1 57 ? 1.647   -3.700  21.636  1.00 40.56 ? 667 GLU A CA  1 
ATOM   303 C  C   . GLU A 1 57 ? 2.674   -4.184  22.650  1.00 41.39 ? 667 GLU A C   1 
ATOM   304 O  O   . GLU A 1 57 ? 2.577   -3.952  23.856  1.00 40.85 ? 667 GLU A O   1 
ATOM   305 C  CB  . GLU A 1 57 ? 0.876   -4.901  21.083  1.00 40.92 ? 667 GLU A CB  1 
ATOM   306 C  CG  . GLU A 1 57 ? -0.605  -4.866  21.427  1.00 42.04 ? 667 GLU A CG  1 
ATOM   307 C  CD  . GLU A 1 57 ? -1.228  -6.240  21.250  1.00 43.25 ? 667 GLU A CD  1 
ATOM   308 O  OE1 . GLU A 1 57 ? -0.607  -7.050  20.527  1.00 44.86 ? 667 GLU A OE1 1 
ATOM   309 O  OE2 . GLU A 1 57 ? -2.306  -6.500  21.825  1.00 45.04 ? 667 GLU A OE2 1 
ATOM   310 N  N   . LEU A 1 58 ? 3.690   -4.889  22.146  1.00 42.04 ? 668 LEU A N   1 
ATOM   311 C  CA  . LEU A 1 58 ? 4.747   -5.368  23.034  1.00 42.14 ? 668 LEU A CA  1 
ATOM   312 C  C   . LEU A 1 58 ? 5.414   -4.173  23.707  1.00 42.69 ? 668 LEU A C   1 
ATOM   313 O  O   . LEU A 1 58 ? 5.801   -4.237  24.868  1.00 44.57 ? 668 LEU A O   1 
ATOM   314 C  CB  . LEU A 1 58 ? 5.785   -6.192  22.284  1.00 41.67 ? 668 LEU A CB  1 
ATOM   315 C  CG  . LEU A 1 58 ? 5.316   -7.530  21.708  1.00 41.39 ? 668 LEU A CG  1 
ATOM   316 C  CD1 . LEU A 1 58 ? 6.508   -8.410  21.365  1.00 40.86 ? 668 LEU A CD1 1 
ATOM   317 C  CD2 . LEU A 1 58 ? 4.382   -8.226  22.685  1.00 41.29 ? 668 LEU A CD2 1 
ATOM   318 N  N   . PHE A 1 59 ? 5.540   -3.090  22.946  1.00 42.73 ? 669 PHE A N   1 
ATOM   319 C  CA  . PHE A 1 59 ? 6.084   -1.859  23.501  1.00 42.90 ? 669 PHE A CA  1 
ATOM   320 C  C   . PHE A 1 59 ? 5.295   -1.489  24.754  1.00 43.62 ? 669 PHE A C   1 
ATOM   321 O  O   . PHE A 1 59 ? 5.777   -1.615  25.875  1.00 43.91 ? 669 PHE A O   1 
ATOM   322 C  CB  . PHE A 1 59 ? 6.002   -0.726  22.485  1.00 42.53 ? 669 PHE A CB  1 
ATOM   323 C  CG  . PHE A 1 59 ? 6.610   0.576   22.982  1.00 42.16 ? 669 PHE A CG  1 
ATOM   324 C  CD1 . PHE A 1 59 ? 7.968   0.801   22.824  1.00 41.84 ? 669 PHE A CD1 1 
ATOM   325 C  CD2 . PHE A 1 59 ? 5.829   1.546   23.587  1.00 41.88 ? 669 PHE A CD2 1 
ATOM   326 C  CE1 . PHE A 1 59 ? 8.548   1.973   23.261  1.00 41.44 ? 669 PHE A CE1 1 
ATOM   327 C  CE2 . PHE A 1 59 ? 6.406   2.723   24.026  1.00 41.73 ? 669 PHE A CE2 1 
ATOM   328 C  CZ  . PHE A 1 59 ? 7.761   2.939   23.859  1.00 41.50 ? 669 PHE A CZ  1 
ATOM   329 N  N   . ILE A 1 60 ? 4.065   -1.058  24.506  1.00 44.17 ? 670 ILE A N   1 
ATOM   330 C  CA  . ILE A 1 60 ? 3.098   -0.690  25.527  1.00 44.64 ? 670 ILE A CA  1 
ATOM   331 C  C   . ILE A 1 60 ? 3.083   -1.705  26.666  1.00 44.93 ? 670 ILE A C   1 
ATOM   332 O  O   . ILE A 1 60 ? 2.963   -1.374  27.840  1.00 43.49 ? 670 ILE A O   1 
ATOM   333 C  CB  . ILE A 1 60 ? 1.674   -0.586  24.942  1.00 44.72 ? 670 ILE A CB  1 
ATOM   334 C  CG1 . ILE A 1 60 ? 1.517   0.428   23.808  1.00 43.98 ? 670 ILE A CG1 1 
ATOM   335 C  CG2 . ILE A 1 60 ? 0.676   -0.304  26.055  1.00 45.42 ? 670 ILE A CG2 1 
ATOM   336 N  N   . ALA A 1 61 ? 3.199   -2.972  26.287  1.00 45.94 ? 671 ALA A N   1 
ATOM   337 C  CA  . ALA A 1 61 ? 3.305   -4.050  27.255  1.00 47.07 ? 671 ALA A CA  1 
ATOM   338 C  C   . ALA A 1 61 ? 4.593   -3.911  28.062  1.00 47.85 ? 671 ALA A C   1 
ATOM   339 O  O   . ALA A 1 61 ? 4.570   -3.836  29.286  1.00 48.34 ? 671 ALA A O   1 
ATOM   340 C  CB  . ALA A 1 61 ? 3.257   -5.386  26.533  1.00 48.33 ? 671 ALA A CB  1 
ATOM   341 N  N   . ALA A 1 62 ? 5.695   -3.877  27.334  1.00 48.68 ? 672 ALA A N   1 
ATOM   342 C  CA  . ALA A 1 62 ? 7.048   -3.800  27.839  1.00 49.68 ? 672 ALA A CA  1 
ATOM   343 C  C   . ALA A 1 62 ? 7.430   -2.372  28.216  1.00 51.07 ? 672 ALA A C   1 
ATOM   344 O  O   . ALA A 1 62 ? 8.503   -1.907  27.831  1.00 51.63 ? 672 ALA A O   1 
ATOM   345 C  CB  . ALA A 1 62 ? 8.030   -4.336  26.804  1.00 49.19 ? 672 ALA A CB  1 
ATOM   346 N  N   . SER A 1 63 ? 6.559   -1.698  28.959  1.00 52.38 ? 673 SER A N   1 
ATOM   347 C  CA  . SER A 1 63 ? 6.834   -0.334  29.404  1.00 53.59 ? 673 SER A CA  1 
ATOM   348 C  C   . SER A 1 63 ? 6.255   -0.068  30.790  1.00 53.98 ? 673 SER A C   1 
ATOM   349 C  CB  . SER A 1 63 ? 6.280   0.684   28.404  1.00 54.50 ? 673 SER A CB  1 
ATOM   350 O  OG  . SER A 1 63 ? 5.351   0.080   27.514  1.00 56.88 ? 673 SER A OG  1 
HETATM 351 N  N   . MSE B 1 17 ? -17.099 2.032   -22.841 1.00 59.37 ? 627 MSE B N   1 
HETATM 352 C  CA  . MSE B 1 17 ? -15.826 1.315   -22.881 1.00 59.86 ? 627 MSE B CA  1 
HETATM 353 C  C   . MSE B 1 17 ? -14.876 1.907   -23.920 1.00 60.21 ? 627 MSE B C   1 
HETATM 354 O  O   . MSE B 1 17 ? -14.292 1.221   -24.758 1.00 60.62 ? 627 MSE B O   1 
HETATM 355 C  CB  . MSE B 1 17 ? -16.069 -0.171  -23.147 1.00 59.62 ? 627 MSE B CB  1 
HETATM 356 C  CG  . MSE B 1 17 ? -15.499 -1.102  -22.085 1.00 59.47 ? 627 MSE B CG  1 
HETATM 357 SE SE  . MSE B 1 17 ? -16.694 -2.373  -21.533 1.00 59.22 ? 627 MSE B SE  1 
HETATM 358 C  CE  . MSE B 1 17 ? -18.170 -1.914  -22.482 1.00 58.67 ? 627 MSE B CE  1 
ATOM   359 N  N   . SER B 1 18 ? -14.716 3.224   -23.860 1.00 60.42 ? 628 SER B N   1 
ATOM   360 C  CA  . SER B 1 18 ? -13.841 3.995   -24.718 1.00 60.30 ? 628 SER B CA  1 
ATOM   361 C  C   . SER B 1 18 ? -12.578 4.450   -23.996 1.00 60.18 ? 628 SER B C   1 
ATOM   362 O  O   . SER B 1 18 ? -12.560 4.496   -22.767 1.00 60.95 ? 628 SER B O   1 
ATOM   363 C  CB  . SER B 1 18 ? -14.561 5.255   -25.228 1.00 60.28 ? 628 SER B CB  1 
ATOM   364 O  OG  . SER B 1 18 ? -13.591 6.286   -25.372 1.00 59.84 ? 628 SER B OG  1 
ATOM   365 N  N   . PRO B 1 19 ? -11.555 4.784   -24.766 1.00 59.95 ? 629 PRO B N   1 
ATOM   366 C  CA  . PRO B 1 19 ? -10.321 5.347   -24.211 1.00 60.14 ? 629 PRO B CA  1 
ATOM   367 C  C   . PRO B 1 19 ? -10.616 6.449   -23.198 1.00 60.36 ? 629 PRO B C   1 
ATOM   368 O  O   . PRO B 1 19 ? -9.954  6.551   -22.167 1.00 61.26 ? 629 PRO B O   1 
ATOM   369 C  CB  . PRO B 1 19 ? -9.632  5.930   -25.443 1.00 60.08 ? 629 PRO B CB  1 
ATOM   370 C  CG  . PRO B 1 19 ? -10.066 5.026   -26.548 1.00 60.01 ? 629 PRO B CG  1 
ATOM   371 C  CD  . PRO B 1 19 ? -11.482 4.639   -26.227 1.00 59.92 ? 629 PRO B CD  1 
ATOM   372 N  N   . LYS B 1 20 ? -11.626 7.255   -23.512 1.00 60.32 ? 630 LYS B N   1 
ATOM   373 C  CA  . LYS B 1 20 ? -12.043 8.302   -22.579 1.00 60.25 ? 630 LYS B CA  1 
ATOM   374 C  C   . LYS B 1 20 ? -12.576 7.682   -21.298 1.00 59.90 ? 630 LYS B C   1 
ATOM   375 O  O   . LYS B 1 20 ? -12.150 8.033   -20.195 1.00 61.35 ? 630 LYS B O   1 
ATOM   376 C  CB  . LYS B 1 20 ? -13.098 9.216   -23.203 1.00 61.15 ? 630 LYS B CB  1 
ATOM   377 N  N   . ALA B 1 21 ? -13.521 6.747   -21.396 1.00 59.19 ? 631 ALA B N   1 
ATOM   378 C  CA  . ALA B 1 21 ? -14.009 6.110   -20.176 1.00 58.61 ? 631 ALA B CA  1 
ATOM   379 C  C   . ALA B 1 21 ? -12.858 5.439   -19.424 1.00 57.70 ? 631 ALA B C   1 
ATOM   380 O  O   . ALA B 1 21 ? -12.713 5.607   -18.219 1.00 57.68 ? 631 ALA B O   1 
ATOM   381 C  CB  . ALA B 1 21 ? -15.090 5.091   -20.483 1.00 59.46 ? 631 ALA B CB  1 
ATOM   382 N  N   . LEU B 1 22 ? -12.059 4.692   -20.181 1.00 56.72 ? 632 LEU B N   1 
ATOM   383 C  CA  . LEU B 1 22 ? -10.914 4.004   -19.604 1.00 55.94 ? 632 LEU B CA  1 
ATOM   384 C  C   . LEU B 1 22 ? -10.022 4.986   -18.865 1.00 55.61 ? 632 LEU B C   1 
ATOM   385 O  O   . LEU B 1 22 ? -9.727  4.797   -17.682 1.00 55.66 ? 632 LEU B O   1 
ATOM   386 C  CB  . LEU B 1 22 ? -10.147 3.268   -20.712 1.00 55.69 ? 632 LEU B CB  1 
ATOM   387 C  CG  . LEU B 1 22 ? -10.646 1.839   -20.958 1.00 55.52 ? 632 LEU B CG  1 
ATOM   388 C  CD1 . LEU B 1 22 ? -11.861 1.577   -20.076 1.00 55.36 ? 632 LEU B CD1 1 
ATOM   389 C  CD2 . LEU B 1 22 ? -10.973 1.577   -22.420 1.00 55.47 ? 632 LEU B CD2 1 
ATOM   390 N  N   . GLN B 1 23 ? -9.594  6.029   -19.573 1.00 55.29 ? 633 GLN B N   1 
ATOM   391 C  CA  . GLN B 1 23 ? -8.699  7.009   -18.971 1.00 55.10 ? 633 GLN B CA  1 
ATOM   392 C  C   . GLN B 1 23 ? -9.318  7.560   -17.693 1.00 54.29 ? 633 GLN B C   1 
ATOM   393 O  O   . GLN B 1 23 ? -8.623  7.841   -16.723 1.00 53.51 ? 633 GLN B O   1 
ATOM   394 C  CB  . GLN B 1 23 ? -8.391  8.143   -19.945 1.00 56.01 ? 633 GLN B CB  1 
ATOM   395 C  CG  . GLN B 1 23 ? -6.933  8.187   -20.385 1.00 57.18 ? 633 GLN B CG  1 
ATOM   396 C  CD  . GLN B 1 23 ? -6.350  9.590   -20.313 1.00 58.35 ? 633 GLN B CD  1 
ATOM   397 O  OE1 . GLN B 1 23 ? -5.191  9.812   -19.951 1.00 60.30 ? 633 GLN B OE1 1 
ATOM   398 N  NE2 . GLN B 1 23 ? -7.196  10.554  -20.665 1.00 59.13 ? 633 GLN B NE2 1 
ATOM   399 N  N   . GLN B 1 24 ? -10.641 7.706   -17.718 1.00 53.98 ? 634 GLN B N   1 
ATOM   400 C  CA  . GLN B 1 24 ? -11.319 8.293   -16.564 1.00 53.98 ? 634 GLN B CA  1 
ATOM   401 C  C   . GLN B 1 24 ? -11.202 7.368   -15.355 1.00 53.66 ? 634 GLN B C   1 
ATOM   402 O  O   . GLN B 1 24 ? -10.616 7.775   -14.348 1.00 54.83 ? 634 GLN B O   1 
ATOM   403 C  CB  . GLN B 1 24 ? -12.785 8.594   -16.870 1.00 55.38 ? 634 GLN B CB  1 
ATOM   404 N  N   . LYS B 1 25 ? -11.754 6.158   -15.468 1.00 52.93 ? 635 LYS B N   1 
ATOM   405 C  CA  . LYS B 1 25 ? -11.646 5.226   -14.342 1.00 52.23 ? 635 LYS B CA  1 
ATOM   406 C  C   . LYS B 1 25 ? -10.182 4.954   -14.029 1.00 51.94 ? 635 LYS B C   1 
ATOM   407 O  O   . LYS B 1 25 ? -9.787  4.971   -12.860 1.00 52.02 ? 635 LYS B O   1 
ATOM   408 C  CB  . LYS B 1 25 ? -12.371 3.911   -14.594 1.00 52.00 ? 635 LYS B CB  1 
ATOM   409 C  CG  . LYS B 1 25 ? -13.098 3.411   -13.354 1.00 52.27 ? 635 LYS B CG  1 
ATOM   410 N  N   . ILE B 1 26 ? -9.391  4.703   -15.072 1.00 51.63 ? 636 ILE B N   1 
ATOM   411 C  CA  . ILE B 1 26 ? -7.961  4.512   -14.902 1.00 51.45 ? 636 ILE B CA  1 
ATOM   412 C  C   . ILE B 1 26 ? -7.339  5.612   -14.047 1.00 51.71 ? 636 ILE B C   1 
ATOM   413 O  O   . ILE B 1 26 ? -6.597  5.373   -13.104 1.00 51.17 ? 636 ILE B O   1 
ATOM   414 C  CB  . ILE B 1 26 ? -7.222  4.491   -16.256 1.00 51.29 ? 636 ILE B CB  1 
ATOM   415 C  CG1 . ILE B 1 26 ? -7.153  3.123   -16.921 1.00 50.95 ? 636 ILE B CG1 1 
ATOM   416 C  CG2 . ILE B 1 26 ? -5.827  5.080   -16.089 1.00 51.35 ? 636 ILE B CG2 1 
ATOM   417 N  N   . HIS B 1 27 ? -7.679  6.855   -14.371 1.00 52.67 ? 637 HIS B N   1 
ATOM   418 C  CA  . HIS B 1 27 ? -6.979  7.883   -13.570 1.00 54.16 ? 637 HIS B CA  1 
ATOM   419 C  C   . HIS B 1 27 ? -7.649  8.012   -12.221 1.00 53.16 ? 637 HIS B C   1 
ATOM   420 O  O   . HIS B 1 27 ? -6.984  8.270   -11.210 1.00 53.80 ? 637 HIS B O   1 
ATOM   421 C  CB  . HIS B 1 27 ? -6.886  9.226   -14.288 1.00 56.60 ? 637 HIS B CB  1 
ATOM   422 C  CG  . HIS B 1 27 ? -5.680  9.317   -15.172 1.00 58.70 ? 637 HIS B CG  1 
ATOM   423 N  ND1 . HIS B 1 27 ? -4.505  8.627   -14.976 1.00 59.49 ? 637 HIS B ND1 1 
ATOM   424 C  CD2 . HIS B 1 27 ? -5.501  10.002  -16.333 1.00 59.34 ? 637 HIS B CD2 1 
ATOM   425 C  CE1 . HIS B 1 27 ? -3.647  8.907   -15.947 1.00 59.73 ? 637 HIS B CE1 1 
ATOM   426 N  NE2 . HIS B 1 27 ? -4.230  9.747   -16.788 1.00 59.66 ? 637 HIS B NE2 1 
ATOM   427 N  N   . GLU B 1 28 ? -8.967  7.812   -12.149 1.00 52.03 ? 638 GLU B N   1 
ATOM   428 C  CA  . GLU B 1 28 ? -9.653  7.790   -10.868 1.00 51.07 ? 638 GLU B CA  1 
ATOM   429 C  C   . GLU B 1 28 ? -9.023  6.759   -9.955  1.00 48.97 ? 638 GLU B C   1 
ATOM   430 O  O   . GLU B 1 28 ? -8.616  7.053   -8.829  1.00 48.35 ? 638 GLU B O   1 
ATOM   431 C  CB  . GLU B 1 28 ? -11.140 7.498   -11.056 1.00 52.86 ? 638 GLU B CB  1 
ATOM   432 C  CG  . GLU B 1 28 ? -11.750 6.491   -10.095 1.00 54.94 ? 638 GLU B CG  1 
ATOM   433 C  CD  . GLU B 1 28 ? -13.145 6.037   -10.484 1.00 56.86 ? 638 GLU B CD  1 
ATOM   434 O  OE1 . GLU B 1 28 ? -13.752 6.646   -11.398 1.00 60.58 ? 638 GLU B OE1 1 
ATOM   435 O  OE2 . GLU B 1 28 ? -13.667 5.064   -9.889  1.00 58.12 ? 638 GLU B OE2 1 
ATOM   436 N  N   . LEU B 1 29 ? -8.948  5.503   -10.397 1.00 47.13 ? 639 LEU B N   1 
ATOM   437 C  CA  . LEU B 1 29 ? -8.423  4.428   -9.579  1.00 45.19 ? 639 LEU B CA  1 
ATOM   438 C  C   . LEU B 1 29 ? -7.039  4.750   -9.023  1.00 43.88 ? 639 LEU B C   1 
ATOM   439 O  O   . LEU B 1 29 ? -6.701  4.426   -7.898  1.00 42.68 ? 639 LEU B O   1 
ATOM   440 C  CB  . LEU B 1 29 ? -8.360  3.139   -10.405 1.00 44.58 ? 639 LEU B CB  1 
ATOM   441 C  CG  . LEU B 1 29 ? -9.745  2.550   -10.726 1.00 44.13 ? 639 LEU B CG  1 
ATOM   442 C  CD1 . LEU B 1 29 ? -9.683  1.038   -10.743 1.00 43.76 ? 639 LEU B CD1 1 
ATOM   443 C  CD2 . LEU B 1 29 ? -10.760 3.045   -9.711  1.00 44.18 ? 639 LEU B CD2 1 
ATOM   444 N  N   . GLU B 1 30 ? -6.257  5.425   -9.853  1.00 43.11 ? 640 GLU B N   1 
ATOM   445 C  CA  . GLU B 1 30 ? -4.895  5.783   -9.483  1.00 42.94 ? 640 GLU B CA  1 
ATOM   446 C  C   . GLU B 1 30 ? -4.830  6.566   -8.182  1.00 43.23 ? 640 GLU B C   1 
ATOM   447 O  O   . GLU B 1 30 ? -3.820  6.564   -7.470  1.00 43.32 ? 640 GLU B O   1 
ATOM   448 C  CB  . GLU B 1 30 ? -4.270  6.595   -10.622 1.00 42.82 ? 640 GLU B CB  1 
ATOM   449 C  CG  . GLU B 1 30 ? -3.395  5.750   -11.539 1.00 43.03 ? 640 GLU B CG  1 
ATOM   450 C  CD  . GLU B 1 30 ? -3.123  6.463   -12.852 1.00 43.51 ? 640 GLU B CD  1 
ATOM   451 O  OE1 . GLU B 1 30 ? -3.246  7.707   -12.835 1.00 43.80 ? 640 GLU B OE1 1 
ATOM   452 O  OE2 . GLU B 1 30 ? -2.801  5.802   -13.858 1.00 44.69 ? 640 GLU B OE2 1 
ATOM   453 N  N   . GLY B 1 31 ? -5.919  7.262   -7.850  1.00 43.41 ? 641 GLY B N   1 
ATOM   454 C  CA  . GLY B 1 31 ? -5.876  8.096   -6.641  1.00 43.32 ? 641 GLY B CA  1 
ATOM   455 C  C   . GLY B 1 31 ? -6.349  7.277   -5.456  1.00 43.13 ? 641 GLY B C   1 
ATOM   456 O  O   . GLY B 1 31 ? -5.773  7.233   -4.375  1.00 44.65 ? 641 GLY B O   1 
ATOM   457 N  N   . LEU B 1 32 ? -7.461  6.590   -5.698  1.00 42.56 ? 642 LEU B N   1 
ATOM   458 C  CA  . LEU B 1 32 ? -8.055  5.708   -4.701  1.00 41.96 ? 642 LEU B CA  1 
ATOM   459 C  C   . LEU B 1 32 ? -6.998  4.732   -4.204  1.00 41.37 ? 642 LEU B C   1 
ATOM   460 O  O   . LEU B 1 32 ? -6.834  4.562   -3.002  1.00 41.87 ? 642 LEU B O   1 
ATOM   461 C  CB  . LEU B 1 32 ? -9.243  4.970   -5.305  1.00 42.12 ? 642 LEU B CB  1 
ATOM   462 C  CG  . LEU B 1 32 ? -10.339 4.488   -4.361  1.00 42.55 ? 642 LEU B CG  1 
ATOM   463 C  CD1 . LEU B 1 32 ? -11.618 5.274   -4.612  1.00 43.12 ? 642 LEU B CD1 1 
ATOM   464 C  CD2 . LEU B 1 32 ? -10.578 2.997   -4.528  1.00 43.48 ? 642 LEU B CD2 1 
HETATM 465 N  N   . MSE B 1 33 ? -6.264  4.138   -5.157  1.00 40.53 ? 643 MSE B N   1 
HETATM 466 C  CA  . MSE B 1 33 ? -5.242  3.170   -4.772  1.00 39.54 ? 643 MSE B CA  1 
HETATM 467 C  C   . MSE B 1 33 ? -4.253  3.840   -3.816  1.00 40.22 ? 643 MSE B C   1 
HETATM 468 O  O   . MSE B 1 33 ? -3.923  3.306   -2.764  1.00 39.74 ? 643 MSE B O   1 
HETATM 469 C  CB  . MSE B 1 33 ? -4.486  2.602   -5.969  1.00 38.17 ? 643 MSE B CB  1 
HETATM 470 C  CG  . MSE B 1 33 ? -3.225  1.868   -5.572  1.00 37.57 ? 643 MSE B CG  1 
HETATM 471 SE SE  . MSE B 1 33 ? -2.056  1.585   -6.933  1.00 36.40 ? 643 MSE B SE  1 
HETATM 472 C  CE  . MSE B 1 33 ? -1.715  3.251   -7.500  1.00 34.58 ? 643 MSE B CE  1 
HETATM 473 N  N   . MSE B 1 34 ? -3.793  5.017   -4.255  1.00 41.24 ? 644 MSE B N   1 
HETATM 474 C  CA  . MSE B 1 34 ? -2.829  5.756   -3.463  1.00 42.50 ? 644 MSE B CA  1 
HETATM 475 C  C   . MSE B 1 34 ? -3.375  6.142   -2.110  1.00 43.43 ? 644 MSE B C   1 
HETATM 476 O  O   . MSE B 1 34 ? -2.686  6.100   -1.090  1.00 44.24 ? 644 MSE B O   1 
HETATM 477 C  CB  . MSE B 1 34 ? -2.408  7.013   -4.215  1.00 43.00 ? 644 MSE B CB  1 
HETATM 478 C  CG  . MSE B 1 34 ? -0.997  7.296   -4.523  1.00 43.39 ? 644 MSE B CG  1 
HETATM 479 SE SE  . MSE B 1 34 ? 0.302   6.245   -5.223  1.00 43.68 ? 644 MSE B SE  1 
HETATM 480 C  CE  . MSE B 1 34 ? 0.311   4.913   -3.989  1.00 43.91 ? 644 MSE B CE  1 
ATOM   481 N  N   . GLN B 1 35 ? -4.633  6.543   -2.100  1.00 44.01 ? 645 GLN B N   1 
ATOM   482 C  CA  . GLN B 1 35 ? -5.359  6.991   -0.910  1.00 44.53 ? 645 GLN B CA  1 
ATOM   483 C  C   . GLN B 1 35 ? -5.398  5.901   0.158   1.00 44.68 ? 645 GLN B C   1 
ATOM   484 O  O   . GLN B 1 35 ? -4.994  6.127   1.290   1.00 44.43 ? 645 GLN B O   1 
ATOM   485 C  CB  . GLN B 1 35 ? -6.753  7.433   -1.322  1.00 45.10 ? 645 GLN B CB  1 
ATOM   486 C  CG  . GLN B 1 35 ? -7.909  7.294   -0.356  1.00 46.74 ? 645 GLN B CG  1 
ATOM   487 N  N   . HIS B 1 36 ? -5.839  4.711   -0.216  1.00 45.12 ? 646 HIS B N   1 
ATOM   488 C  CA  . HIS B 1 36 ? -5.824  3.573   0.690   1.00 45.51 ? 646 HIS B CA  1 
ATOM   489 C  C   . HIS B 1 36 ? -4.430  3.382   1.294   1.00 45.56 ? 646 HIS B C   1 
ATOM   490 O  O   . HIS B 1 36 ? -4.266  3.402   2.504   1.00 46.35 ? 646 HIS B O   1 
ATOM   491 C  CB  . HIS B 1 36 ? -6.198  2.262   0.004   1.00 45.89 ? 646 HIS B CB  1 
ATOM   492 C  CG  . HIS B 1 36 ? -7.613  2.076   -0.419  1.00 46.49 ? 646 HIS B CG  1 
ATOM   493 N  ND1 . HIS B 1 36 ? -8.256  3.048   -1.162  1.00 47.07 ? 646 HIS B ND1 1 
ATOM   494 C  CD2 . HIS B 1 36 ? -8.523  1.084   -0.251  1.00 46.68 ? 646 HIS B CD2 1 
ATOM   495 C  CE1 . HIS B 1 36 ? -9.499  2.667   -1.429  1.00 47.29 ? 646 HIS B CE1 1 
ATOM   496 N  NE2 . HIS B 1 36 ? -9.669  1.476   -0.880  1.00 47.09 ? 646 HIS B NE2 1 
ATOM   497 N  N   . ALA B 1 37 ? -3.468  3.209   0.402   1.00 45.43 ? 647 ALA B N   1 
ATOM   498 C  CA  . ALA B 1 37 ? -2.061  3.073   0.714   1.00 45.51 ? 647 ALA B CA  1 
ATOM   499 C  C   . ALA B 1 37 ? -1.654  4.078   1.784   1.00 46.26 ? 647 ALA B C   1 
ATOM   500 O  O   . ALA B 1 37 ? -0.923  3.747   2.719   1.00 46.17 ? 647 ALA B O   1 
ATOM   501 C  CB  . ALA B 1 37 ? -1.232  3.277   -0.550  1.00 45.03 ? 647 ALA B CB  1 
ATOM   502 N  N   . GLN B 1 38 ? -2.150  5.302   1.607   1.00 47.11 ? 648 GLN B N   1 
ATOM   503 C  CA  . GLN B 1 38 ? -1.887  6.337   2.603   1.00 47.91 ? 648 GLN B CA  1 
ATOM   504 C  C   . GLN B 1 38 ? -2.436  5.897   3.954   1.00 47.82 ? 648 GLN B C   1 
ATOM   505 O  O   . GLN B 1 38 ? -1.792  6.094   4.982   1.00 49.38 ? 648 GLN B O   1 
ATOM   506 C  CB  . GLN B 1 38 ? -2.478  7.683   2.196   1.00 49.07 ? 648 GLN B CB  1 
ATOM   507 C  CG  . GLN B 1 38 ? -1.949  8.843   3.023   1.00 51.02 ? 648 GLN B CG  1 
ATOM   508 C  CD  . GLN B 1 38 ? -0.470  9.124   2.837   1.00 53.12 ? 648 GLN B CD  1 
ATOM   509 O  OE1 . GLN B 1 38 ? -0.068  9.803   1.885   1.00 55.92 ? 648 GLN B OE1 1 
ATOM   510 N  NE2 . GLN B 1 38 ? 0.369   8.627   3.748   1.00 54.93 ? 648 GLN B NE2 1 
ATOM   511 N  N   . ASN B 1 39 ? -3.626  5.309   3.985   1.00 47.48 ? 649 ASN B N   1 
ATOM   512 C  CA  . ASN B 1 39 ? -4.181  4.889   5.267   1.00 47.40 ? 649 ASN B CA  1 
ATOM   513 C  C   . ASN B 1 39 ? -3.784  3.460   5.603   1.00 46.20 ? 649 ASN B C   1 
ATOM   514 O  O   . ASN B 1 39 ? -4.475  2.772   6.367   1.00 45.87 ? 649 ASN B O   1 
ATOM   515 C  CB  . ASN B 1 39 ? -5.708  4.991   5.275   1.00 48.64 ? 649 ASN B CB  1 
ATOM   516 C  CG  . ASN B 1 39 ? -6.194  6.236   4.558   1.00 49.97 ? 649 ASN B CG  1 
ATOM   517 O  OD1 . ASN B 1 39 ? -5.857  7.362   4.933   1.00 51.63 ? 649 ASN B OD1 1 
ATOM   518 N  ND2 . ASN B 1 39 ? -6.990  6.037   3.512   1.00 51.73 ? 649 ASN B ND2 1 
ATOM   519 N  N   . LEU B 1 40 ? -2.698  2.962   5.036   1.00 45.23 ? 650 LEU B N   1 
ATOM   520 C  CA  . LEU B 1 40 ? -2.158  1.647   5.365   1.00 44.35 ? 650 LEU B CA  1 
ATOM   521 C  C   . LEU B 1 40 ? -3.060  0.498   4.949   1.00 43.80 ? 650 LEU B C   1 
ATOM   522 O  O   . LEU B 1 40 ? -2.775  -0.669  5.242   1.00 42.22 ? 650 LEU B O   1 
ATOM   523 C  CB  . LEU B 1 40 ? -1.900  1.558   6.880   1.00 43.91 ? 650 LEU B CB  1 
ATOM   524 C  CG  . LEU B 1 40 ? -0.780  2.445   7.414   1.00 43.64 ? 650 LEU B CG  1 
ATOM   525 C  CD1 . LEU B 1 40 ? 0.141   1.681   8.367   1.00 44.41 ? 650 LEU B CD1 1 
ATOM   526 C  CD2 . LEU B 1 40 ? 0.029   3.047   6.275   1.00 42.92 ? 650 LEU B CD2 1 
ATOM   527 N  N   . GLU B 1 41 ? -4.146  0.822   4.255   1.00 43.79 ? 651 GLU B N   1 
ATOM   528 C  CA  . GLU B 1 41 ? -5.035  -0.177  3.701   1.00 44.18 ? 651 GLU B CA  1 
ATOM   529 C  C   . GLU B 1 41 ? -4.372  -0.836  2.513   1.00 43.76 ? 651 GLU B C   1 
ATOM   530 O  O   . GLU B 1 41 ? -4.858  -0.666  1.388   1.00 43.00 ? 651 GLU B O   1 
ATOM   531 C  CB  . GLU B 1 41 ? -6.345  0.437   3.222   1.00 45.38 ? 651 GLU B CB  1 
ATOM   532 C  CG  . GLU B 1 41 ? -7.402  0.687   4.283   1.00 46.62 ? 651 GLU B CG  1 
ATOM   533 C  CD  . GLU B 1 41 ? -8.253  1.905   3.950   1.00 47.92 ? 651 GLU B CD  1 
ATOM   534 O  OE1 . GLU B 1 41 ? -8.773  1.983   2.814   1.00 49.59 ? 651 GLU B OE1 1 
ATOM   535 O  OE2 . GLU B 1 41 ? -8.359  2.756   4.858   1.00 49.83 ? 651 GLU B OE2 1 
ATOM   536 N  N   . PHE B 1 42 ? -3.313  -1.625  2.638   1.00 44.12 ? 652 PHE B N   1 
ATOM   537 C  CA  . PHE B 1 42 ? -2.819  -2.276  1.408   1.00 44.92 ? 652 PHE B CA  1 
ATOM   538 C  C   . PHE B 1 42 ? -3.813  -3.307  0.931   1.00 46.75 ? 652 PHE B C   1 
ATOM   539 O  O   . PHE B 1 42 ? -5.026  -3.161  1.143   1.00 49.09 ? 652 PHE B O   1 
ATOM   540 C  CB  . PHE B 1 42 ? -1.430  -2.848  1.730   1.00 44.45 ? 652 PHE B CB  1 
ATOM   541 C  CG  . PHE B 1 42 ? -0.662  -1.812  2.548   1.00 44.22 ? 652 PHE B CG  1 
ATOM   542 C  CD1 . PHE B 1 42 ? -0.452  -0.551  2.015   1.00 44.03 ? 652 PHE B CD1 1 
ATOM   543 C  CD2 . PHE B 1 42 ? -0.176  -2.081  3.810   1.00 44.31 ? 652 PHE B CD2 1 
ATOM   544 C  CE1 . PHE B 1 42 ? 0.232   0.425   2.720   1.00 43.91 ? 652 PHE B CE1 1 
ATOM   545 C  CE2 . PHE B 1 42 ? 0.501   -1.112  4.525   1.00 44.24 ? 652 PHE B CE2 1 
ATOM   546 C  CZ  . PHE B 1 42 ? 0.710   0.142   3.984   1.00 43.97 ? 652 PHE B CZ  1 
ATOM   547 N  N   . GLU B 1 43 ? -3.435  -4.396  0.277   1.00 47.89 ? 653 GLU B N   1 
ATOM   548 C  CA  . GLU B 1 43 ? -4.469  -5.378  -0.116  1.00 48.70 ? 653 GLU B CA  1 
ATOM   549 C  C   . GLU B 1 43 ? -5.387  -4.720  -1.147  1.00 48.99 ? 653 GLU B C   1 
ATOM   550 O  O   . GLU B 1 43 ? -5.122  -4.851  -2.345  1.00 51.74 ? 653 GLU B O   1 
ATOM   551 C  CB  . GLU B 1 43 ? -5.302  -5.931  1.027   1.00 48.72 ? 653 GLU B CB  1 
ATOM   552 C  CG  . GLU B 1 43 ? -4.668  -6.351  2.314   1.00 48.82 ? 653 GLU B CG  1 
ATOM   553 C  CD  . GLU B 1 43 ? -4.731  -5.316  3.420   1.00 49.13 ? 653 GLU B CD  1 
ATOM   554 O  OE1 . GLU B 1 43 ? -5.395  -4.276  3.220   1.00 50.04 ? 653 GLU B OE1 1 
ATOM   555 O  OE2 . GLU B 1 43 ? -4.116  -5.534  4.487   1.00 49.37 ? 653 GLU B OE2 1 
ATOM   556 N  N   . GLU B 1 44 ? -6.430  -4.023  -0.714  1.00 48.41 ? 654 GLU B N   1 
ATOM   557 C  CA  . GLU B 1 44 ? -7.164  -3.077  -1.520  1.00 48.52 ? 654 GLU B CA  1 
ATOM   558 C  C   . GLU B 1 44 ? -6.182  -2.267  -2.365  1.00 47.27 ? 654 GLU B C   1 
ATOM   559 O  O   . GLU B 1 44 ? -6.349  -2.240  -3.586  1.00 47.18 ? 654 GLU B O   1 
ATOM   560 C  CB  . GLU B 1 44 ? -8.008  -2.146  -0.657  1.00 50.16 ? 654 GLU B CB  1 
ATOM   561 C  CG  . GLU B 1 44 ? -7.472  -1.881  0.735   1.00 51.86 ? 654 GLU B CG  1 
ATOM   562 C  CD  . GLU B 1 44 ? -8.175  -2.730  1.786   1.00 53.42 ? 654 GLU B CD  1 
ATOM   563 O  OE1 . GLU B 1 44 ? -9.422  -2.668  1.822   1.00 55.83 ? 654 GLU B OE1 1 
ATOM   564 O  OE2 . GLU B 1 44 ? -7.453  -3.439  2.513   1.00 55.33 ? 654 GLU B OE2 1 
ATOM   565 N  N   . ALA B 1 45 ? -5.233  -1.655  -1.676  1.00 46.20 ? 655 ALA B N   1 
ATOM   566 C  CA  . ALA B 1 45 ? -4.183  -0.874  -2.332  1.00 45.35 ? 655 ALA B CA  1 
ATOM   567 C  C   . ALA B 1 45 ? -3.609  -1.684  -3.493  1.00 44.59 ? 655 ALA B C   1 
ATOM   568 O  O   . ALA B 1 45 ? -3.453  -1.201  -4.607  1.00 43.16 ? 655 ALA B O   1 
ATOM   569 C  CB  . ALA B 1 45 ? -3.098  -0.487  -1.352  1.00 45.25 ? 655 ALA B CB  1 
ATOM   570 N  N   . ALA B 1 46 ? -3.306  -2.939  -3.171  1.00 44.49 ? 656 ALA B N   1 
ATOM   571 C  CA  . ALA B 1 46 ? -2.777  -3.864  -4.162  1.00 44.40 ? 656 ALA B CA  1 
ATOM   572 C  C   . ALA B 1 46 ? -3.820  -4.218  -5.206  1.00 44.67 ? 656 ALA B C   1 
ATOM   573 O  O   . ALA B 1 46 ? -3.534  -4.156  -6.403  1.00 45.46 ? 656 ALA B O   1 
ATOM   574 C  CB  . ALA B 1 46 ? -2.249  -5.117  -3.477  1.00 43.62 ? 656 ALA B CB  1 
ATOM   575 N  N   . GLN B 1 47 ? -5.039  -4.605  -4.829  1.00 44.93 ? 657 GLN B N   1 
ATOM   576 C  CA  . GLN B 1 47 ? -6.006  -5.041  -5.825  1.00 45.38 ? 657 GLN B CA  1 
ATOM   577 C  C   . GLN B 1 47 ? -6.293  -3.921  -6.822  1.00 43.16 ? 657 GLN B C   1 
ATOM   578 O  O   . GLN B 1 47 ? -6.288  -4.151  -8.031  1.00 43.81 ? 657 GLN B O   1 
ATOM   579 C  CB  . GLN B 1 47 ? -7.330  -5.502  -5.225  1.00 47.95 ? 657 GLN B CB  1 
ATOM   580 C  CG  . GLN B 1 47 ? -7.463  -5.489  -3.731  1.00 50.32 ? 657 GLN B CG  1 
ATOM   581 C  CD  . GLN B 1 47 ? -8.334  -6.561  -3.119  1.00 52.45 ? 657 GLN B CD  1 
ATOM   582 O  OE1 . GLN B 1 47 ? -8.123  -7.755  -3.363  1.00 55.72 ? 657 GLN B OE1 1 
ATOM   583 N  NE2 . GLN B 1 47 ? -9.324  -6.176  -2.308  1.00 54.33 ? 657 GLN B NE2 1 
ATOM   584 N  N   . ILE B 1 48 ? -6.520  -2.721  -6.303  1.00 40.78 ? 658 ILE B N   1 
ATOM   585 C  CA  . ILE B 1 48 ? -6.738  -1.594  -7.205  1.00 38.60 ? 658 ILE B CA  1 
ATOM   586 C  C   . ILE B 1 48 ? -5.544  -1.457  -8.143  1.00 37.39 ? 658 ILE B C   1 
ATOM   587 O  O   . ILE B 1 48 ? -5.681  -1.122  -9.314  1.00 36.48 ? 658 ILE B O   1 
ATOM   588 C  CB  . ILE B 1 48 ? -6.960  -0.287  -6.430  1.00 38.04 ? 658 ILE B CB  1 
ATOM   589 C  CG1 . ILE B 1 48 ? -8.198  -0.301  -5.537  1.00 37.47 ? 658 ILE B CG1 1 
ATOM   590 C  CG2 . ILE B 1 48 ? -7.001  0.903   -7.379  1.00 37.95 ? 658 ILE B CG2 1 
ATOM   591 N  N   . ARG B 1 49 ? -4.358  -1.744  -7.604  1.00 36.88 ? 659 ARG B N   1 
ATOM   592 C  CA  . ARG B 1 49 ? -3.143  -1.630  -8.395  1.00 36.65 ? 659 ARG B CA  1 
ATOM   593 C  C   . ARG B 1 49 ? -3.135  -2.591  -9.570  1.00 37.72 ? 659 ARG B C   1 
ATOM   594 O  O   . ARG B 1 49 ? -2.670  -2.251  -10.661 1.00 36.60 ? 659 ARG B O   1 
ATOM   595 C  CB  . ARG B 1 49 ? -1.908  -1.884  -7.514  1.00 35.37 ? 659 ARG B CB  1 
ATOM   596 C  CG  . ARG B 1 49 ? -0.602  -1.808  -8.280  1.00 34.14 ? 659 ARG B CG  1 
ATOM   597 C  CD  . ARG B 1 49 ? 0.387   -2.891  -7.860  1.00 32.95 ? 659 ARG B CD  1 
ATOM   598 N  NE  . ARG B 1 49 ? -0.251  -4.106  -7.382  1.00 32.27 ? 659 ARG B NE  1 
ATOM   599 C  CZ  . ARG B 1 49 ? 0.117   -4.750  -6.276  1.00 32.15 ? 659 ARG B CZ  1 
ATOM   600 N  NH1 . ARG B 1 49 ? 1.121   -4.278  -5.552  1.00 31.60 ? 659 ARG B NH1 1 
ATOM   601 N  NH2 . ARG B 1 49 ? -0.522  -5.849  -5.916  1.00 32.04 ? 659 ARG B NH2 1 
ATOM   602 N  N   . ASP B 1 50 ? -3.607  -3.825  -9.386  1.00 39.27 ? 660 ASP B N   1 
ATOM   603 C  CA  . ASP B 1 50 ? -3.595  -4.741  -10.525 1.00 41.04 ? 660 ASP B CA  1 
ATOM   604 C  C   . ASP B 1 50 ? -4.810  -4.519  -11.422 1.00 41.87 ? 660 ASP B C   1 
ATOM   605 O  O   . ASP B 1 50 ? -4.786  -4.840  -12.609 1.00 42.03 ? 660 ASP B O   1 
ATOM   606 C  CB  . ASP B 1 50 ? -3.530  -6.192  -10.060 1.00 42.04 ? 660 ASP B CB  1 
ATOM   607 C  CG  . ASP B 1 50 ? -2.515  -6.419  -8.959  1.00 43.17 ? 660 ASP B CG  1 
ATOM   608 O  OD1 . ASP B 1 50 ? -1.291  -6.317  -9.190  1.00 44.38 ? 660 ASP B OD1 1 
ATOM   609 O  OD2 . ASP B 1 50 ? -2.979  -6.728  -7.838  1.00 44.99 ? 660 ASP B OD2 1 
ATOM   610 N  N   . GLN B 1 51 ? -5.878  -3.963  -10.852 1.00 42.45 ? 661 GLN B N   1 
ATOM   611 C  CA  . GLN B 1 51 ? -7.017  -3.557  -11.671 1.00 42.73 ? 661 GLN B CA  1 
ATOM   612 C  C   . GLN B 1 51 ? -6.487  -2.624  -12.765 1.00 42.38 ? 661 GLN B C   1 
ATOM   613 O  O   . GLN B 1 51 ? -6.704  -2.836  -13.948 1.00 43.76 ? 661 GLN B O   1 
ATOM   614 C  CB  . GLN B 1 51 ? -8.089  -2.859  -10.854 1.00 43.78 ? 661 GLN B CB  1 
ATOM   615 C  CG  . GLN B 1 51 ? -9.116  -3.756  -10.199 1.00 44.99 ? 661 GLN B CG  1 
ATOM   616 C  CD  . GLN B 1 51 ? -10.235 -2.953  -9.568  1.00 46.80 ? 661 GLN B CD  1 
ATOM   617 N  N   . LEU B 1 52 ? -5.786  -1.607  -12.291 1.00 41.83 ? 662 LEU B N   1 
ATOM   618 C  CA  . LEU B 1 52 ? -5.257  -0.569  -13.166 1.00 41.29 ? 662 LEU B CA  1 
ATOM   619 C  C   . LEU B 1 52 ? -4.366  -1.179  -14.225 1.00 41.24 ? 662 LEU B C   1 
ATOM   620 O  O   . LEU B 1 52 ? -4.300  -0.719  -15.366 1.00 40.65 ? 662 LEU B O   1 
ATOM   621 C  CB  . LEU B 1 52 ? -4.487  0.469   -12.340 1.00 40.89 ? 662 LEU B CB  1 
ATOM   622 C  CG  . LEU B 1 52 ? -5.274  1.740   -12.022 1.00 40.77 ? 662 LEU B CG  1 
ATOM   623 C  CD1 . LEU B 1 52 ? -5.247  2.057   -10.533 1.00 40.31 ? 662 LEU B CD1 1 
ATOM   624 C  CD2 . LEU B 1 52 ? -4.718  2.884   -12.846 1.00 42.03 ? 662 LEU B CD2 1 
ATOM   625 N  N   . HIS B 1 53 ? -3.647  -2.232  -13.852 1.00 41.64 ? 663 HIS B N   1 
ATOM   626 C  CA  . HIS B 1 53 ? -2.746  -2.873  -14.795 1.00 42.52 ? 663 HIS B CA  1 
ATOM   627 C  C   . HIS B 1 53 ? -3.519  -3.322  -16.027 1.00 42.66 ? 663 HIS B C   1 
ATOM   628 O  O   . HIS B 1 53 ? -3.102  -3.068  -17.155 1.00 44.43 ? 663 HIS B O   1 
ATOM   629 C  CB  . HIS B 1 53 ? -2.058  -4.075  -14.148 1.00 43.63 ? 663 HIS B CB  1 
ATOM   630 C  CG  . HIS B 1 53 ? -0.927  -3.729  -13.231 1.00 44.75 ? 663 HIS B CG  1 
ATOM   631 N  ND1 . HIS B 1 53 ? -0.131  -2.624  -13.435 1.00 45.21 ? 663 HIS B ND1 1 
ATOM   632 C  CD2 . HIS B 1 53 ? -0.454  -4.320  -12.106 1.00 45.22 ? 663 HIS B CD2 1 
ATOM   633 C  CE1 . HIS B 1 53 ? 0.788   -2.547  -12.481 1.00 45.39 ? 663 HIS B CE1 1 
ATOM   634 N  NE2 . HIS B 1 53 ? 0.607   -3.572  -11.664 1.00 45.42 ? 663 HIS B NE2 1 
ATOM   635 N  N   . GLN B 1 54 ? -4.642  -4.000  -15.819 1.00 42.19 ? 664 GLN B N   1 
ATOM   636 C  CA  . GLN B 1 54 ? -5.502  -4.471  -16.886 1.00 41.95 ? 664 GLN B CA  1 
ATOM   637 C  C   . GLN B 1 54 ? -6.045  -3.269  -17.663 1.00 40.97 ? 664 GLN B C   1 
ATOM   638 O  O   . GLN B 1 54 ? -5.809  -3.145  -18.855 1.00 42.02 ? 664 GLN B O   1 
ATOM   639 C  CB  . GLN B 1 54 ? -6.701  -5.260  -16.367 1.00 43.16 ? 664 GLN B CB  1 
ATOM   640 C  CG  . GLN B 1 54 ? -6.517  -6.763  -16.432 1.00 44.77 ? 664 GLN B CG  1 
ATOM   641 C  CD  . GLN B 1 54 ? -7.221  -7.410  -17.607 1.00 45.93 ? 664 GLN B CD  1 
ATOM   642 O  OE1 . GLN B 1 54 ? -8.436  -7.255  -17.762 1.00 49.26 ? 664 GLN B OE1 1 
ATOM   643 N  NE2 . GLN B 1 54 ? -6.462  -8.135  -18.421 1.00 45.57 ? 664 GLN B NE2 1 
ATOM   644 N  N   . LEU B 1 55 ? -6.752  -2.472  -16.879 1.00 39.79 ? 665 LEU B N   1 
ATOM   645 C  CA  . LEU B 1 55 ? -7.402  -1.252  -17.309 1.00 38.92 ? 665 LEU B CA  1 
ATOM   646 C  C   . LEU B 1 55 ? -6.524  -0.503  -18.305 1.00 38.86 ? 665 LEU B C   1 
ATOM   647 O  O   . LEU B 1 55 ? -6.997  -0.103  -19.364 1.00 39.26 ? 665 LEU B O   1 
ATOM   648 C  CB  . LEU B 1 55 ? -7.716  -0.370  -16.102 1.00 38.51 ? 665 LEU B CB  1 
ATOM   649 C  CG  . LEU B 1 55 ? -9.202  -0.067  -15.905 1.00 38.53 ? 665 LEU B CG  1 
ATOM   650 C  CD1 . LEU B 1 55 ? -9.920  -1.275  -15.322 1.00 38.69 ? 665 LEU B CD1 1 
ATOM   651 C  CD2 . LEU B 1 55 ? -9.378  1.158   -15.024 1.00 39.14 ? 665 LEU B CD2 1 
ATOM   652 N  N   . ARG B 1 56 ? -5.260  -0.356  -17.930 1.00 38.91 ? 666 ARG B N   1 
ATOM   653 C  CA  . ARG B 1 56 ? -4.276  0.210   -18.839 1.00 39.50 ? 666 ARG B CA  1 
ATOM   654 C  C   . ARG B 1 56 ? -4.364  -0.519  -20.179 1.00 39.42 ? 666 ARG B C   1 
ATOM   655 O  O   . ARG B 1 56 ? -4.918  0.024   -21.130 1.00 41.04 ? 666 ARG B O   1 
ATOM   656 C  CB  . ARG B 1 56 ? -2.878  0.081   -18.252 1.00 40.77 ? 666 ARG B CB  1 
ATOM   657 C  CG  . ARG B 1 56 ? -2.190  1.390   -17.914 1.00 41.91 ? 666 ARG B CG  1 
ATOM   658 C  CD  . ARG B 1 56 ? -3.084  2.256   -17.052 1.00 42.93 ? 666 ARG B CD  1 
ATOM   659 N  NE  . ARG B 1 56 ? -2.380  2.934   -15.971 1.00 43.69 ? 666 ARG B NE  1 
ATOM   660 C  CZ  . ARG B 1 56 ? -1.641  2.360   -15.034 1.00 44.01 ? 666 ARG B CZ  1 
ATOM   661 N  NH1 . ARG B 1 56 ? -1.480  1.044   -15.022 1.00 45.09 ? 666 ARG B NH1 1 
ATOM   662 N  NH2 . ARG B 1 56 ? -1.063  3.109   -14.104 1.00 43.93 ? 666 ARG B NH2 1 
ATOM   663 N  N   . GLU B 1 57 ? -3.859  -1.736  -20.223 1.00 39.19 ? 667 GLU B N   1 
ATOM   664 C  CA  . GLU B 1 57 ? -3.864  -2.609  -21.384 1.00 39.14 ? 667 GLU B CA  1 
ATOM   665 C  C   . GLU B 1 57 ? -5.186  -2.585  -22.134 1.00 38.46 ? 667 GLU B C   1 
ATOM   666 O  O   . GLU B 1 57 ? -5.235  -2.648  -23.366 1.00 38.12 ? 667 GLU B O   1 
ATOM   667 C  CB  . GLU B 1 57 ? -3.553  -4.038  -20.927 1.00 39.96 ? 667 GLU B CB  1 
ATOM   668 C  CG  . GLU B 1 57 ? -3.994  -5.126  -21.896 1.00 40.92 ? 667 GLU B CG  1 
ATOM   669 C  CD  . GLU B 1 57 ? -3.661  -6.509  -21.351 1.00 41.56 ? 667 GLU B CD  1 
ATOM   670 O  OE1 . GLU B 1 57 ? -3.654  -6.637  -20.104 1.00 44.29 ? 667 GLU B OE1 1 
ATOM   671 O  OE2 . GLU B 1 57 ? -3.410  -7.425  -22.159 1.00 40.09 ? 667 GLU B OE2 1 
ATOM   672 N  N   . LEU B 1 58 ? -6.295  -2.499  -21.397 1.00 37.82 ? 668 LEU B N   1 
ATOM   673 C  CA  . LEU B 1 58 ? -7.574  -2.428  -22.101 1.00 37.37 ? 668 LEU B CA  1 
ATOM   674 C  C   . LEU B 1 58 ? -7.576  -1.169  -22.968 1.00 37.91 ? 668 LEU B C   1 
ATOM   675 O  O   . LEU B 1 58 ? -7.693  -1.294  -24.182 1.00 39.47 ? 668 LEU B O   1 
ATOM   676 C  CB  . LEU B 1 58 ? -8.760  -2.412  -21.153 1.00 37.09 ? 668 LEU B CB  1 
ATOM   677 C  CG  . LEU B 1 58 ? -9.355  -3.767  -20.774 1.00 37.07 ? 668 LEU B CG  1 
ATOM   678 C  CD1 . LEU B 1 58 ? -10.460 -3.609  -19.742 1.00 37.09 ? 668 LEU B CD1 1 
ATOM   679 C  CD2 . LEU B 1 58 ? -9.883  -4.482  -22.003 1.00 37.52 ? 668 LEU B CD2 1 
ATOM   680 N  N   . PHE B 1 59 ? -7.438  -0.028  -22.318 1.00 38.14 ? 669 PHE B N   1 
ATOM   681 C  CA  . PHE B 1 59 ? -7.341  1.288   -22.941 1.00 38.19 ? 669 PHE B CA  1 
ATOM   682 C  C   . PHE B 1 59 ? -6.522  1.238   -24.220 1.00 37.94 ? 669 PHE B C   1 
ATOM   683 O  O   . PHE B 1 59 ? -6.912  1.690   -25.295 1.00 37.69 ? 669 PHE B O   1 
ATOM   684 C  CB  . PHE B 1 59 ? -6.730  2.268   -21.937 1.00 38.27 ? 669 PHE B CB  1 
ATOM   685 C  CG  . PHE B 1 59 ? -6.498  3.675   -22.449 1.00 38.61 ? 669 PHE B CG  1 
ATOM   686 C  CD1 . PHE B 1 59 ? -7.497  4.630   -22.337 1.00 38.78 ? 669 PHE B CD1 1 
ATOM   687 C  CD2 . PHE B 1 59 ? -5.292  4.046   -23.021 1.00 38.81 ? 669 PHE B CD2 1 
ATOM   688 C  CE1 . PHE B 1 59 ? -7.299  5.920   -22.788 1.00 38.89 ? 669 PHE B CE1 1 
ATOM   689 C  CE2 . PHE B 1 59 ? -5.084  5.332   -23.483 1.00 38.93 ? 669 PHE B CE2 1 
ATOM   690 C  CZ  . PHE B 1 59 ? -6.091  6.272   -23.363 1.00 39.00 ? 669 PHE B CZ  1 
ATOM   691 N  N   . ILE B 1 60 ? -5.333  0.643   -24.136 1.00 37.83 ? 670 ILE B N   1 
ATOM   692 C  CA  . ILE B 1 60 ? -4.470  0.571   -25.311 1.00 37.74 ? 670 ILE B CA  1 
ATOM   693 C  C   . ILE B 1 60 ? -5.130  -0.229  -26.421 1.00 38.52 ? 670 ILE B C   1 
ATOM   694 O  O   . ILE B 1 60 ? -4.756  -0.109  -27.587 1.00 40.06 ? 670 ILE B O   1 
ATOM   695 C  CB  . ILE B 1 60 ? -3.097  -0.027  -24.954 1.00 36.85 ? 670 ILE B CB  1 
ATOM   696 C  CG1 . ILE B 1 60 ? -2.228  0.902   -24.100 1.00 36.15 ? 670 ILE B CG1 1 
ATOM   697 C  CG2 . ILE B 1 60 ? -2.343  -0.459  -26.199 1.00 36.04 ? 670 ILE B CG2 1 
ATOM   698 C  CD1 . ILE B 1 60 ? -0.747  0.678   -24.299 1.00 34.97 ? 670 ILE B CD1 1 
ATOM   699 N  N   . ALA B 1 61 ? -6.121  -1.048  -26.104 1.00 39.29 ? 671 ALA B N   1 
ATOM   700 C  CA  . ALA B 1 61 ? -6.855  -1.782  -27.127 1.00 40.71 ? 671 ALA B CA  1 
ATOM   701 C  C   . ALA B 1 61 ? -8.100  -1.044  -27.600 1.00 41.84 ? 671 ALA B C   1 
ATOM   702 O  O   . ALA B 1 61 ? -8.522  -1.185  -28.753 1.00 43.09 ? 671 ALA B O   1 
ATOM   703 C  CB  . ALA B 1 61 ? -7.236  -3.158  -26.600 1.00 41.67 ? 671 ALA B CB  1 
ATOM   704 N  N   . ALA B 1 62 ? -8.723  -0.248  -26.735 1.00 42.53 ? 672 ALA B N   1 
ATOM   705 C  CA  . ALA B 1 62 ? -9.893  0.514   -27.164 1.00 43.19 ? 672 ALA B CA  1 
ATOM   706 C  C   . ALA B 1 62 ? -9.463  1.592   -28.156 1.00 44.29 ? 672 ALA B C   1 
ATOM   707 O  O   . ALA B 1 62 ? -10.278 2.121   -28.911 1.00 46.94 ? 672 ALA B O   1 
ATOM   708 C  CB  . ALA B 1 62 ? -10.623 1.119   -25.981 1.00 42.73 ? 672 ALA B CB  1 
ATOM   709 N  N   . SER B 1 63 ? -8.171  1.904   -28.143 1.00 44.59 ? 673 SER B N   1 
ATOM   710 C  CA  . SER B 1 63 ? -7.613  2.897   -29.051 1.00 44.95 ? 673 SER B CA  1 
ATOM   711 C  C   . SER B 1 63 ? -7.514  2.343   -30.468 1.00 45.30 ? 673 SER B C   1 
ATOM   712 C  CB  . SER B 1 63 ? -6.236  3.353   -28.565 1.00 45.21 ? 673 SER B CB  1 
ATOM   713 O  OG  . SER B 1 63 ? -6.247  3.610   -27.170 1.00 45.36 ? 673 SER B OG  1 
# 
